data_6PPM
#
_entry.id   6PPM
#
_cell.length_a   84.314
_cell.length_b   88.542
_cell.length_c   141.026
_cell.angle_alpha   90.000
_cell.angle_beta   90.000
_cell.angle_gamma   90.000
#
_symmetry.space_group_name_H-M   'P 21 21 21'
#
loop_
_entity.id
_entity.type
_entity.pdbx_description
1 polymer 'Ancestral Caspase-6 Large Subunit'
2 polymer 'Ancestral Caspase-6 small subunit'
3 polymer 'VAL-GLU-ILE-ASP Inhibitor'
4 water water
#
loop_
_entity_poly.entity_id
_entity_poly.type
_entity_poly.pdbx_seq_one_letter_code
_entity_poly.pdbx_strand_id
1 'polypeptide(L)'
;FYKREMFDPAEEYKMNHKRRGLALIFNQKRFDWKLGLKTRNGTDKDRDNLERRFQELGFEVKAYNDLSAEEVLEKIQEAS
TADHSDADCFVCVFLSHGEDGHVYANDAKIEIQELTNLFKGDKCQSLVGKPKIFIIQACRGDKLDDAVTPM
;
A,G,C,J
2 'polypeptide(L)'
;VYTLPAGADFIMCYSTAEGYYSYRETVNGSWYIQDLCEMLKKYGSELEFTEILTLVNRKVSLRSVPNCKDPAAIGKKQMP
CFASMLTKKLYFRPK
;
B,H,D,K
3 'polypeptide(L)' VEID E,I,L,F
#
# COMPACT_ATOMS: atom_id res chain seq x y z
N PHE A 1 -4.38 -44.26 2.17
CA PHE A 1 -3.04 -44.01 1.64
C PHE A 1 -2.04 -44.03 2.78
N TYR A 2 -0.99 -44.83 2.61
CA TYR A 2 -0.10 -45.19 3.70
C TYR A 2 0.96 -44.13 3.99
N LYS A 3 1.28 -43.23 3.05
CA LYS A 3 2.34 -42.23 3.22
C LYS A 3 1.70 -40.84 3.32
N ARG A 4 1.62 -40.31 4.54
CA ARG A 4 1.16 -38.94 4.76
C ARG A 4 2.29 -37.97 4.47
N GLU A 5 1.99 -36.93 3.70
CA GLU A 5 2.91 -35.81 3.57
C GLU A 5 3.09 -35.14 4.92
N MET A 6 4.34 -35.09 5.40
CA MET A 6 4.65 -34.51 6.68
C MET A 6 5.13 -33.08 6.57
N PHE A 7 5.52 -32.67 5.37
CA PHE A 7 5.93 -31.31 5.06
C PHE A 7 4.87 -30.73 4.13
N ASP A 8 3.78 -30.26 4.73
CA ASP A 8 2.72 -29.64 3.94
C ASP A 8 3.17 -28.29 3.43
N PRO A 9 3.06 -28.02 2.13
CA PRO A 9 3.45 -26.69 1.62
C PRO A 9 2.66 -25.55 2.20
N ALA A 10 1.54 -25.80 2.88
CA ALA A 10 0.75 -24.71 3.43
C ALA A 10 1.12 -24.38 4.88
N GLU A 11 2.04 -25.13 5.49
CA GLU A 11 2.40 -24.93 6.88
C GLU A 11 2.81 -23.48 7.14
N GLU A 12 2.23 -22.89 8.20
CA GLU A 12 2.48 -21.52 8.57
C GLU A 12 3.02 -21.44 9.99
N TYR A 13 3.88 -20.44 10.26
CA TYR A 13 4.23 -20.13 11.64
C TYR A 13 2.95 -19.87 12.43
N LYS A 14 2.91 -20.35 13.66
CA LYS A 14 1.78 -20.06 14.53
C LYS A 14 1.93 -18.63 14.97
N MET A 15 1.03 -17.76 14.51
CA MET A 15 1.06 -16.34 14.81
C MET A 15 -0.08 -15.94 15.73
N ASN A 16 -0.35 -16.78 16.74
CA ASN A 16 -1.46 -16.59 17.67
C ASN A 16 -0.96 -16.51 19.10
N HIS A 17 0.15 -15.83 19.33
CA HIS A 17 0.60 -15.63 20.70
C HIS A 17 -0.12 -14.40 21.28
N LYS A 18 0.19 -14.09 22.55
CA LYS A 18 -0.42 -12.93 23.19
C LYS A 18 0.04 -11.64 22.52
N ARG A 19 1.36 -11.44 22.43
CA ARG A 19 1.94 -10.27 21.79
C ARG A 19 2.41 -10.62 20.39
N ARG A 20 2.60 -9.59 19.55
CA ARG A 20 3.27 -9.78 18.28
C ARG A 20 4.79 -9.88 18.48
N GLY A 21 5.35 -9.00 19.29
CA GLY A 21 6.76 -9.04 19.61
C GLY A 21 7.43 -7.68 19.49
N LEU A 22 8.73 -7.68 19.77
CA LEU A 22 9.51 -6.47 19.65
C LEU A 22 9.91 -6.20 18.21
N ALA A 23 9.86 -4.92 17.83
CA ALA A 23 10.58 -4.40 16.68
C ALA A 23 11.54 -3.34 17.19
N LEU A 24 12.84 -3.54 16.97
CA LEU A 24 13.82 -2.52 17.30
C LEU A 24 14.22 -1.79 16.03
N ILE A 25 14.41 -0.47 16.15
CA ILE A 25 14.87 0.31 15.02
C ILE A 25 16.12 1.06 15.45
N PHE A 26 17.19 0.88 14.71
CA PHE A 26 18.47 1.52 14.99
C PHE A 26 18.71 2.53 13.88
N ASN A 27 18.38 3.77 14.19
CA ASN A 27 18.43 4.89 13.27
C ASN A 27 19.77 5.60 13.47
N GLN A 28 20.64 5.51 12.47
CA GLN A 28 21.97 6.13 12.55
C GLN A 28 22.01 7.27 11.53
N LYS A 29 22.07 8.50 12.03
CA LYS A 29 22.10 9.68 11.18
C LYS A 29 23.48 10.31 11.10
N ARG A 30 24.11 10.56 12.26
CA ARG A 30 25.39 11.26 12.36
C ARG A 30 26.46 10.33 12.90
N PHE A 31 27.72 10.60 12.56
CA PHE A 31 28.82 9.73 12.97
C PHE A 31 30.03 10.54 13.39
N ASP A 32 30.86 9.90 14.21
CA ASP A 32 32.13 10.44 14.68
C ASP A 32 32.97 10.97 13.52
N TRP A 33 33.77 12.02 13.79
CA TRP A 33 34.77 12.46 12.83
C TRP A 33 35.72 11.33 12.47
N LYS A 34 36.03 10.45 13.43
CA LYS A 34 36.96 9.37 13.19
C LYS A 34 36.43 8.38 12.16
N LEU A 35 35.10 8.25 12.05
CA LEU A 35 34.53 7.33 11.08
C LEU A 35 34.61 7.91 9.67
N GLY A 36 34.44 9.22 9.53
CA GLY A 36 34.54 9.87 8.23
C GLY A 36 33.36 9.59 7.32
N LEU A 37 32.17 9.49 7.88
CA LEU A 37 30.98 9.11 7.15
C LEU A 37 30.06 10.31 7.00
N LYS A 38 29.40 10.42 5.85
CA LYS A 38 28.52 11.54 5.62
C LYS A 38 27.17 11.33 6.30
N THR A 39 26.52 12.44 6.62
CA THR A 39 25.30 12.44 7.43
C THR A 39 24.12 11.96 6.59
N ARG A 40 23.41 10.95 7.10
CA ARG A 40 22.37 10.27 6.34
C ARG A 40 21.04 11.02 6.52
N ASN A 41 20.92 12.14 5.81
CA ASN A 41 19.69 12.91 5.92
C ASN A 41 18.55 12.21 5.21
N GLY A 42 17.37 12.27 5.81
CA GLY A 42 16.23 11.55 5.33
C GLY A 42 15.95 10.27 6.10
N THR A 43 16.86 9.84 6.97
CA THR A 43 16.66 8.56 7.64
C THR A 43 15.56 8.64 8.69
N ASP A 44 15.31 9.81 9.28
CA ASP A 44 14.21 9.90 10.25
C ASP A 44 12.86 9.68 9.57
N LYS A 45 12.70 10.14 8.33
CA LYS A 45 11.50 9.78 7.58
C LYS A 45 11.41 8.25 7.44
N ASP A 46 12.54 7.59 7.19
CA ASP A 46 12.55 6.12 7.18
C ASP A 46 12.11 5.57 8.54
N ARG A 47 12.70 6.07 9.62
CA ARG A 47 12.36 5.59 10.95
C ARG A 47 10.88 5.79 11.26
N ASP A 48 10.37 7.02 11.12
CA ASP A 48 8.95 7.28 11.38
C ASP A 48 8.04 6.37 10.56
N ASN A 49 8.45 6.06 9.32
CA ASN A 49 7.64 5.24 8.43
C ASN A 49 7.59 3.78 8.90
N LEU A 50 8.77 3.22 9.24
CA LEU A 50 8.82 1.85 9.75
C LEU A 50 8.02 1.70 11.04
N GLU A 51 8.19 2.64 11.96
CA GLU A 51 7.51 2.58 13.25
C GLU A 51 5.99 2.57 13.06
N ARG A 52 5.49 3.28 12.05
CA ARG A 52 4.05 3.29 11.78
C ARG A 52 3.56 1.94 11.29
N ARG A 53 4.16 1.41 10.23
CA ARG A 53 3.72 0.11 9.72
C ARG A 53 3.92 -0.99 10.75
N PHE A 54 5.02 -0.94 11.51
CA PHE A 54 5.23 -2.01 12.49
C PHE A 54 4.19 -1.94 13.60
N GLN A 55 3.78 -0.73 14.00
CA GLN A 55 2.68 -0.61 14.94
C GLN A 55 1.35 -1.09 14.36
N GLU A 56 1.11 -0.85 13.07
CA GLU A 56 -0.12 -1.33 12.44
C GLU A 56 -0.20 -2.84 12.48
N LEU A 57 0.94 -3.53 12.47
CA LEU A 57 0.98 -4.98 12.47
C LEU A 57 1.04 -5.58 13.87
N GLY A 58 1.08 -4.76 14.92
CA GLY A 58 1.01 -5.24 16.29
C GLY A 58 2.30 -5.22 17.07
N PHE A 59 3.42 -4.81 16.48
CA PHE A 59 4.68 -4.89 17.20
C PHE A 59 4.76 -3.80 18.25
N GLU A 60 5.59 -4.06 19.25
CA GLU A 60 6.03 -3.02 20.18
C GLU A 60 7.34 -2.48 19.63
N VAL A 61 7.34 -1.23 19.18
CA VAL A 61 8.46 -0.63 18.46
C VAL A 61 9.33 0.17 19.42
N LYS A 62 10.65 -0.04 19.34
CA LYS A 62 11.62 0.69 20.13
C LYS A 62 12.65 1.29 19.18
N ALA A 63 12.51 2.60 18.92
CA ALA A 63 13.36 3.31 17.97
C ALA A 63 14.44 4.09 18.73
N TYR A 64 15.70 3.78 18.43
CA TYR A 64 16.84 4.47 19.02
C TYR A 64 17.59 5.29 17.97
N ASN A 65 17.96 6.50 18.33
CA ASN A 65 18.60 7.41 17.39
C ASN A 65 20.06 7.61 17.79
N ASP A 66 20.98 7.26 16.89
CA ASP A 66 22.41 7.62 16.98
C ASP A 66 23.09 7.04 18.22
N LEU A 67 22.82 5.78 18.53
CA LEU A 67 23.47 5.11 19.66
C LEU A 67 24.91 4.75 19.32
N SER A 68 25.75 4.69 20.35
CA SER A 68 27.08 4.12 20.20
C SER A 68 27.00 2.61 19.96
N ALA A 69 28.13 2.01 19.54
CA ALA A 69 28.15 0.56 19.31
C ALA A 69 27.92 -0.22 20.60
N GLU A 70 28.56 0.20 21.70
CA GLU A 70 28.35 -0.47 22.97
C GLU A 70 26.89 -0.37 23.40
N GLU A 71 26.25 0.76 23.11
CA GLU A 71 24.86 0.94 23.49
C GLU A 71 23.93 0.14 22.59
N VAL A 72 24.29 -0.01 21.31
CA VAL A 72 23.51 -0.89 20.43
C VAL A 72 23.54 -2.31 20.97
N LEU A 73 24.75 -2.82 21.24
CA LEU A 73 24.84 -4.16 21.83
C LEU A 73 24.09 -4.24 23.15
N GLU A 74 24.08 -3.17 23.93
CA GLU A 74 23.32 -3.19 25.18
C GLU A 74 21.83 -3.39 24.90
N LYS A 75 21.26 -2.62 23.98
CA LYS A 75 19.85 -2.80 23.65
C LYS A 75 19.59 -4.13 22.93
N ILE A 76 20.57 -4.62 22.16
CA ILE A 76 20.43 -5.93 21.53
C ILE A 76 20.40 -7.02 22.60
N GLN A 77 21.37 -6.99 23.51
CA GLN A 77 21.39 -7.95 24.61
C GLN A 77 20.11 -7.87 25.43
N GLU A 78 19.62 -6.66 25.67
CA GLU A 78 18.35 -6.54 26.38
C GLU A 78 17.23 -7.28 25.66
N ALA A 79 17.16 -7.15 24.33
CA ALA A 79 16.16 -7.90 23.57
C ALA A 79 16.49 -9.39 23.57
N SER A 80 17.77 -9.72 23.47
CA SER A 80 18.18 -11.12 23.37
C SER A 80 17.78 -11.94 24.61
N THR A 81 17.89 -11.34 25.80
CA THR A 81 17.60 -12.05 27.04
C THR A 81 16.20 -11.79 27.57
N ALA A 82 15.33 -11.15 26.78
CA ALA A 82 13.97 -10.96 27.23
C ALA A 82 13.18 -12.26 27.10
N ASP A 83 11.94 -12.24 27.59
CA ASP A 83 11.06 -13.41 27.54
C ASP A 83 10.12 -13.23 26.35
N HIS A 84 10.38 -13.98 25.27
CA HIS A 84 9.60 -13.92 24.06
C HIS A 84 8.56 -15.04 23.98
N SER A 85 8.17 -15.59 25.13
CA SER A 85 7.34 -16.80 25.14
C SER A 85 6.01 -16.56 24.46
N ASP A 86 5.36 -15.44 24.75
CA ASP A 86 4.08 -15.12 24.13
C ASP A 86 4.20 -14.01 23.07
N ALA A 87 5.34 -13.97 22.39
CA ALA A 87 5.52 -13.17 21.18
C ALA A 87 5.42 -14.07 19.95
N ASP A 88 4.86 -13.51 18.87
CA ASP A 88 4.81 -14.24 17.60
C ASP A 88 6.20 -14.34 16.99
N CYS A 89 6.99 -13.28 17.14
CA CYS A 89 8.30 -13.23 16.49
C CYS A 89 9.04 -11.99 16.92
N PHE A 90 10.09 -11.66 16.16
CA PHE A 90 10.98 -10.58 16.52
C PHE A 90 11.51 -9.91 15.26
N VAL A 91 11.48 -8.58 15.25
CA VAL A 91 11.99 -7.75 14.16
C VAL A 91 13.09 -6.86 14.71
N CYS A 92 14.11 -6.64 13.88
CA CYS A 92 15.20 -5.72 14.18
C CYS A 92 15.61 -5.02 12.90
N VAL A 93 15.62 -3.69 12.93
CA VAL A 93 15.89 -2.90 11.74
C VAL A 93 17.11 -2.04 11.99
N PHE A 94 17.93 -1.84 10.95
CA PHE A 94 19.16 -1.07 11.06
C PHE A 94 19.27 -0.09 9.90
N LEU A 95 19.34 1.20 10.23
CA LEU A 95 19.37 2.28 9.24
C LEU A 95 20.69 3.01 9.40
N SER A 96 21.66 2.67 8.57
CA SER A 96 22.99 3.23 8.72
C SER A 96 23.74 3.09 7.40
N HIS A 97 24.99 3.51 7.42
CA HIS A 97 25.94 3.10 6.41
C HIS A 97 26.47 1.73 6.76
N GLY A 98 27.16 1.12 5.81
CA GLY A 98 27.85 -0.12 6.10
C GLY A 98 28.71 -0.51 4.92
N GLU A 99 29.40 -1.62 5.08
CA GLU A 99 30.13 -2.27 4.00
C GLU A 99 30.53 -3.65 4.50
N ASP A 100 31.24 -4.39 3.65
CA ASP A 100 31.62 -5.76 3.97
C ASP A 100 30.40 -6.47 4.55
N GLY A 101 30.53 -6.99 5.75
CA GLY A 101 29.36 -7.50 6.44
C GLY A 101 29.10 -6.77 7.74
N HIS A 102 29.29 -5.46 7.76
CA HIS A 102 29.08 -4.71 8.99
C HIS A 102 28.33 -3.41 8.70
N VAL A 103 27.60 -2.95 9.69
CA VAL A 103 27.00 -1.62 9.68
C VAL A 103 27.72 -0.75 10.71
N TYR A 104 27.48 0.55 10.63
CA TYR A 104 28.14 1.50 11.51
C TYR A 104 27.17 1.96 12.58
N ALA A 105 27.64 1.96 13.82
CA ALA A 105 26.92 2.69 14.84
C ALA A 105 27.48 4.11 14.86
N ASN A 106 27.14 4.85 15.92
CA ASN A 106 27.56 6.24 16.02
C ASN A 106 29.08 6.37 15.94
N ASP A 107 29.81 5.38 16.48
CA ASP A 107 31.25 5.53 16.67
C ASP A 107 32.12 4.41 16.11
N ALA A 108 31.55 3.31 15.61
CA ALA A 108 32.38 2.12 15.38
C ALA A 108 31.63 1.12 14.50
N LYS A 109 32.39 0.24 13.84
CA LYS A 109 31.81 -0.83 13.06
C LYS A 109 31.07 -1.82 13.96
N ILE A 110 30.02 -2.43 13.42
CA ILE A 110 29.37 -3.58 14.04
C ILE A 110 29.13 -4.62 12.97
N GLU A 111 29.75 -5.79 13.12
CA GLU A 111 29.45 -6.90 12.22
C GLU A 111 28.00 -7.35 12.41
N ILE A 112 27.34 -7.65 11.29
CA ILE A 112 25.93 -8.00 11.34
C ILE A 112 25.72 -9.30 12.13
N GLN A 113 26.72 -10.19 12.15
CA GLN A 113 26.62 -11.38 13.00
C GLN A 113 26.56 -11.02 14.49
N GLU A 114 27.14 -9.90 14.90
CA GLU A 114 26.91 -9.41 16.26
C GLU A 114 25.43 -9.08 16.48
N LEU A 115 24.76 -8.53 15.47
CA LEU A 115 23.33 -8.26 15.63
C LEU A 115 22.52 -9.55 15.71
N THR A 116 22.94 -10.62 14.99
CA THR A 116 22.12 -11.82 14.87
C THR A 116 22.44 -12.92 15.89
N ASN A 117 23.69 -13.01 16.37
CA ASN A 117 24.12 -14.14 17.20
C ASN A 117 23.30 -14.28 18.48
N LEU A 118 22.98 -13.16 19.13
CA LEU A 118 22.25 -13.17 20.39
C LEU A 118 20.83 -13.72 20.26
N PHE A 119 20.36 -13.99 19.05
CA PHE A 119 19.03 -14.54 18.83
C PHE A 119 19.07 -15.95 18.28
N LYS A 120 20.25 -16.49 18.02
CA LYS A 120 20.36 -17.89 17.63
C LYS A 120 19.84 -18.77 18.75
N GLY A 121 19.20 -19.88 18.36
CA GLY A 121 18.47 -20.71 19.32
C GLY A 121 19.24 -21.04 20.59
N ASP A 122 20.56 -21.22 20.50
CA ASP A 122 21.36 -21.62 21.65
C ASP A 122 21.50 -20.52 22.70
N LYS A 123 21.00 -19.30 22.42
CA LYS A 123 21.09 -18.13 23.30
C LYS A 123 19.75 -17.48 23.63
N CYS A 124 18.83 -17.40 22.66
CA CYS A 124 17.49 -16.85 22.91
C CYS A 124 16.46 -17.95 22.66
N GLN A 125 16.18 -18.74 23.70
CA GLN A 125 15.39 -19.95 23.52
C GLN A 125 13.91 -19.65 23.31
N SER A 126 13.42 -18.55 23.86
CA SER A 126 12.00 -18.23 23.74
C SER A 126 11.60 -17.85 22.31
N LEU A 127 12.56 -17.76 21.40
CA LEU A 127 12.32 -17.46 19.99
C LEU A 127 12.56 -18.65 19.09
N VAL A 128 13.00 -19.78 19.64
CA VAL A 128 13.33 -20.93 18.82
C VAL A 128 12.10 -21.35 18.03
N GLY A 129 12.30 -21.57 16.73
CA GLY A 129 11.16 -21.87 15.88
C GLY A 129 10.25 -20.71 15.59
N LYS A 130 10.60 -19.49 16.02
CA LYS A 130 9.85 -18.30 15.66
C LYS A 130 10.66 -17.44 14.68
N PRO A 131 9.98 -16.67 13.81
CA PRO A 131 10.69 -15.89 12.80
C PRO A 131 11.48 -14.77 13.44
N LYS A 132 12.71 -14.57 12.95
CA LYS A 132 13.55 -13.48 13.42
C LYS A 132 13.96 -12.66 12.19
N ILE A 133 13.43 -11.44 12.12
CA ILE A 133 13.45 -10.65 10.91
C ILE A 133 14.41 -9.49 11.12
N PHE A 134 15.33 -9.33 10.18
CA PHE A 134 16.36 -8.31 10.24
C PHE A 134 16.32 -7.54 8.93
N ILE A 135 16.30 -6.22 9.03
CA ILE A 135 16.17 -5.35 7.87
C ILE A 135 17.33 -4.38 7.92
N ILE A 136 18.13 -4.34 6.86
CA ILE A 136 19.32 -3.51 6.80
C ILE A 136 19.19 -2.53 5.63
N GLN A 137 18.93 -1.26 5.94
CA GLN A 137 19.06 -0.20 4.95
C GLN A 137 20.47 0.38 5.13
N ALA A 138 21.40 -0.07 4.30
CA ALA A 138 22.81 0.29 4.40
C ALA A 138 23.51 -0.10 3.12
N CYS A 139 24.49 0.71 2.72
CA CYS A 139 25.42 0.26 1.69
C CYS A 139 26.04 -1.05 2.14
N ARG A 140 26.37 -1.90 1.18
CA ARG A 140 27.08 -3.14 1.45
C ARG A 140 28.34 -3.21 0.61
N GLY A 141 28.87 -2.06 0.24
CA GLY A 141 29.94 -1.99 -0.73
C GLY A 141 29.82 -0.71 -1.51
N ASP A 142 30.67 -0.58 -2.54
CA ASP A 142 30.72 0.67 -3.30
C ASP A 142 30.65 0.46 -4.81
N LYS A 143 30.17 -0.70 -5.26
CA LYS A 143 29.84 -0.88 -6.67
C LYS A 143 28.51 -0.20 -7.01
N LEU A 144 28.35 0.18 -8.27
CA LEU A 144 27.09 0.70 -8.80
C LEU A 144 26.53 -0.29 -9.82
N ASP A 145 25.20 -0.45 -9.82
CA ASP A 145 24.59 -1.43 -10.72
C ASP A 145 24.10 -0.71 -11.98
N ASP A 146 24.46 -1.26 -13.13
CA ASP A 146 24.08 -0.59 -14.36
C ASP A 146 22.64 -0.90 -14.71
N ALA A 147 22.08 -0.07 -15.59
CA ALA A 147 20.74 -0.27 -16.13
C ALA A 147 20.85 -1.09 -17.42
N VAL A 148 19.98 -2.10 -17.55
CA VAL A 148 19.91 -2.94 -18.72
C VAL A 148 18.45 -3.04 -19.15
N THR A 149 18.25 -3.43 -20.40
CA THR A 149 16.94 -3.53 -21.01
C THR A 149 16.69 -4.94 -21.55
N PRO A 150 15.53 -5.53 -21.27
CA PRO A 150 15.17 -6.77 -21.98
C PRO A 150 15.12 -6.51 -23.48
N MET A 151 15.53 -7.53 -24.25
CA MET A 151 15.59 -7.34 -25.70
C MET A 151 14.27 -7.73 -26.36
N TYR B 2 12.62 -34.27 17.52
CA TYR B 2 12.38 -32.94 16.95
C TYR B 2 13.37 -31.89 17.45
N THR B 3 14.43 -31.64 16.68
CA THR B 3 15.36 -30.56 16.97
C THR B 3 15.49 -29.65 15.75
N LEU B 4 15.77 -28.37 16.00
CA LEU B 4 16.05 -27.41 14.95
C LEU B 4 17.50 -26.97 14.98
N PRO B 5 18.02 -26.50 13.84
CA PRO B 5 19.29 -25.77 13.88
C PRO B 5 19.13 -24.51 14.71
N ALA B 6 20.21 -24.16 15.42
CA ALA B 6 20.25 -22.86 16.09
C ALA B 6 20.08 -21.71 15.10
N GLY B 7 20.49 -21.92 13.84
CA GLY B 7 20.36 -20.90 12.83
C GLY B 7 19.02 -20.82 12.15
N ALA B 8 17.98 -21.48 12.67
CA ALA B 8 16.76 -21.63 11.89
C ALA B 8 15.85 -20.40 12.01
N ASP B 9 15.15 -20.09 10.91
CA ASP B 9 14.04 -19.16 10.91
C ASP B 9 14.49 -17.70 11.01
N PHE B 10 15.69 -17.40 10.53
CA PHE B 10 16.11 -16.03 10.31
C PHE B 10 15.70 -15.64 8.89
N ILE B 11 15.43 -14.34 8.71
CA ILE B 11 15.28 -13.81 7.36
C ILE B 11 16.02 -12.47 7.33
N MET B 12 17.02 -12.37 6.48
CA MET B 12 17.85 -11.19 6.34
C MET B 12 17.36 -10.44 5.12
N CYS B 13 16.80 -9.26 5.34
CA CYS B 13 16.25 -8.40 4.31
C CYS B 13 17.23 -7.27 4.07
N TYR B 14 17.93 -7.30 2.95
CA TYR B 14 18.89 -6.27 2.59
C TYR B 14 18.32 -5.32 1.53
N SER B 15 18.63 -4.03 1.68
CA SER B 15 18.15 -3.03 0.74
C SER B 15 18.81 -3.13 -0.62
N THR B 16 20.04 -3.66 -0.66
CA THR B 16 20.81 -3.74 -1.89
C THR B 16 21.56 -5.05 -1.90
N ALA B 17 22.10 -5.44 -3.06
CA ALA B 17 22.85 -6.69 -3.11
C ALA B 17 24.24 -6.49 -2.52
N GLU B 18 24.91 -7.60 -2.20
CA GLU B 18 26.21 -7.49 -1.53
C GLU B 18 27.23 -6.81 -2.42
N GLY B 19 28.01 -5.91 -1.83
CA GLY B 19 28.99 -5.14 -2.57
C GLY B 19 28.48 -3.86 -3.18
N TYR B 20 27.19 -3.55 -3.04
CA TYR B 20 26.60 -2.51 -3.86
C TYR B 20 26.07 -1.36 -2.99
N TYR B 21 25.93 -0.20 -3.64
CA TYR B 21 25.37 0.99 -3.02
C TYR B 21 23.88 0.83 -2.74
N SER B 22 23.39 1.60 -1.78
CA SER B 22 21.97 1.85 -1.58
C SER B 22 21.73 3.35 -1.71
N TYR B 23 20.50 3.71 -2.01
CA TYR B 23 20.18 5.08 -2.35
C TYR B 23 19.07 5.63 -1.46
N ARG B 24 19.16 6.92 -1.17
CA ARG B 24 18.32 7.55 -0.17
C ARG B 24 17.88 8.94 -0.64
N GLU B 25 16.59 9.20 -0.55
CA GLU B 25 16.06 10.54 -0.79
C GLU B 25 16.03 11.32 0.51
N THR B 26 16.48 12.58 0.46
CA THR B 26 16.66 13.31 1.71
C THR B 26 15.32 13.77 2.28
N VAL B 27 14.29 13.90 1.45
CA VAL B 27 12.97 14.21 1.98
C VAL B 27 12.19 12.92 2.26
N ASN B 28 12.01 12.08 1.24
CA ASN B 28 11.16 10.90 1.41
C ASN B 28 11.84 9.71 2.07
N GLY B 29 13.14 9.72 2.26
CA GLY B 29 13.81 8.55 2.81
C GLY B 29 14.35 7.63 1.75
N SER B 30 14.86 6.48 2.18
CA SER B 30 15.56 5.60 1.25
C SER B 30 14.57 4.84 0.36
N TRP B 31 15.02 4.48 -0.84
CA TRP B 31 14.18 3.74 -1.78
C TRP B 31 13.60 2.50 -1.14
N TYR B 32 14.45 1.70 -0.51
CA TYR B 32 14.04 0.40 -0.01
C TYR B 32 12.99 0.53 1.08
N ILE B 33 13.23 1.38 2.09
CA ILE B 33 12.27 1.54 3.19
CA ILE B 33 12.22 1.39 3.14
C ILE B 33 10.98 2.17 2.69
N GLN B 34 11.10 3.10 1.75
CA GLN B 34 9.89 3.67 1.15
C GLN B 34 9.01 2.57 0.57
N ASP B 35 9.61 1.71 -0.27
CA ASP B 35 8.85 0.67 -0.94
C ASP B 35 8.43 -0.44 0.02
N LEU B 36 9.31 -0.80 0.97
CA LEU B 36 8.91 -1.77 1.97
C LEU B 36 7.69 -1.30 2.75
N CYS B 37 7.69 -0.04 3.21
CA CYS B 37 6.53 0.42 3.96
C CYS B 37 5.28 0.55 3.07
N GLU B 38 5.46 0.89 1.80
CA GLU B 38 4.31 0.98 0.93
C GLU B 38 3.68 -0.40 0.70
N MET B 39 4.52 -1.41 0.45
CA MET B 39 4.00 -2.78 0.36
C MET B 39 3.39 -3.24 1.68
N LEU B 40 4.05 -2.92 2.82
CA LEU B 40 3.47 -3.32 4.10
C LEU B 40 2.13 -2.65 4.32
N LYS B 41 2.01 -1.36 3.97
CA LYS B 41 0.73 -0.68 4.11
C LYS B 41 -0.35 -1.36 3.27
N LYS B 42 -0.01 -1.75 2.05
CA LYS B 42 -1.01 -2.36 1.18
C LYS B 42 -1.29 -3.82 1.53
N TYR B 43 -0.26 -4.59 1.92
CA TYR B 43 -0.47 -6.03 2.05
C TYR B 43 0.14 -6.63 3.31
N GLY B 44 0.51 -5.82 4.30
CA GLY B 44 1.17 -6.37 5.47
C GLY B 44 0.38 -7.48 6.12
N SER B 45 -0.92 -7.25 6.32
CA SER B 45 -1.78 -8.19 7.02
C SER B 45 -2.44 -9.21 6.11
N GLU B 46 -2.13 -9.20 4.81
CA GLU B 46 -2.78 -10.09 3.87
C GLU B 46 -1.82 -11.09 3.21
N LEU B 47 -0.58 -10.71 2.91
CA LEU B 47 0.31 -11.51 2.09
C LEU B 47 1.42 -12.17 2.92
N GLU B 48 2.00 -13.21 2.34
CA GLU B 48 3.17 -13.85 2.95
C GLU B 48 4.34 -12.88 2.90
N PHE B 49 5.17 -12.89 3.96
CA PHE B 49 6.22 -11.89 4.10
C PHE B 49 7.20 -11.92 2.92
N THR B 50 7.53 -13.12 2.42
CA THR B 50 8.47 -13.21 1.30
C THR B 50 7.84 -12.83 -0.03
N GLU B 51 6.50 -12.85 -0.13
CA GLU B 51 5.89 -12.31 -1.34
C GLU B 51 5.92 -10.79 -1.30
N ILE B 52 5.72 -10.21 -0.13
CA ILE B 52 5.95 -8.78 0.04
C ILE B 52 7.39 -8.42 -0.35
N LEU B 53 8.38 -9.15 0.21
CA LEU B 53 9.76 -8.79 -0.12
C LEU B 53 10.01 -8.93 -1.60
N THR B 54 9.35 -9.87 -2.27
CA THR B 54 9.52 -9.99 -3.69
C THR B 54 8.86 -8.82 -4.42
N LEU B 55 7.74 -8.31 -3.91
CA LEU B 55 7.15 -7.07 -4.43
C LEU B 55 8.09 -5.89 -4.21
N VAL B 56 8.64 -5.78 -3.00
CA VAL B 56 9.63 -4.74 -2.74
C VAL B 56 10.79 -4.88 -3.71
N ASN B 57 11.24 -6.13 -3.94
CA ASN B 57 12.29 -6.38 -4.93
C ASN B 57 11.93 -5.78 -6.28
N ARG B 58 10.70 -6.04 -6.73
CA ARG B 58 10.26 -5.54 -8.04
C ARG B 58 10.19 -4.01 -8.05
N LYS B 59 9.61 -3.41 -7.01
CA LYS B 59 9.43 -1.97 -7.01
C LYS B 59 10.77 -1.23 -7.04
N VAL B 60 11.70 -1.57 -6.15
CA VAL B 60 12.98 -0.88 -6.13
C VAL B 60 13.72 -1.09 -7.45
N SER B 61 13.59 -2.30 -8.02
CA SER B 61 14.25 -2.62 -9.29
C SER B 61 13.85 -1.69 -10.43
N LEU B 62 12.63 -1.14 -10.43
CA LEU B 62 12.27 -0.24 -11.54
C LEU B 62 12.69 1.22 -11.34
N ARG B 63 13.26 1.59 -10.21
CA ARG B 63 13.70 2.96 -10.02
C ARG B 63 15.04 3.21 -10.69
N SER B 64 15.34 4.50 -10.89
CA SER B 64 16.57 4.97 -11.50
C SER B 64 17.01 6.23 -10.77
N VAL B 65 18.30 6.33 -10.48
CA VAL B 65 18.82 7.49 -9.77
C VAL B 65 18.62 8.72 -10.66
N PRO B 66 17.73 9.65 -10.30
CA PRO B 66 17.45 10.77 -11.18
C PRO B 66 18.51 11.86 -11.08
N ASN B 67 19.02 12.09 -9.88
CA ASN B 67 19.93 13.21 -9.67
C ASN B 67 20.69 12.97 -8.37
N CYS B 68 22.00 13.20 -8.41
CA CYS B 68 22.89 12.77 -7.35
C CYS B 68 23.97 13.81 -7.11
N LYS B 69 24.24 14.09 -5.83
CA LYS B 69 25.30 15.03 -5.45
C LYS B 69 26.60 14.77 -6.19
N ASP B 70 26.78 13.55 -6.68
CA ASP B 70 27.83 13.25 -7.63
C ASP B 70 27.21 12.50 -8.82
N PRO B 71 27.43 12.97 -10.04
CA PRO B 71 26.61 12.52 -11.17
C PRO B 71 26.95 11.13 -11.70
N ALA B 72 27.95 10.44 -11.15
CA ALA B 72 28.30 9.12 -11.66
C ALA B 72 27.33 8.03 -11.24
N ALA B 73 26.38 8.33 -10.37
CA ALA B 73 25.33 7.39 -10.01
C ALA B 73 24.01 7.71 -10.70
N ILE B 74 23.95 8.78 -11.49
CA ILE B 74 22.73 9.08 -12.23
C ILE B 74 22.52 8.01 -13.28
N GLY B 75 21.27 7.54 -13.39
CA GLY B 75 20.99 6.46 -14.30
C GLY B 75 21.36 5.08 -13.78
N LYS B 76 21.78 4.97 -12.51
CA LYS B 76 22.12 3.69 -11.94
C LYS B 76 20.93 3.10 -11.18
N LYS B 77 21.09 1.82 -10.81
CA LYS B 77 20.00 1.00 -10.30
C LYS B 77 20.33 0.43 -8.92
N GLN B 78 19.32 -0.19 -8.33
CA GLN B 78 19.49 -0.85 -7.04
C GLN B 78 18.59 -2.08 -7.03
N MET B 79 19.18 -3.22 -6.68
CA MET B 79 18.47 -4.49 -6.60
C MET B 79 18.54 -4.97 -5.17
N PRO B 80 17.43 -5.01 -4.43
CA PRO B 80 17.47 -5.56 -3.07
C PRO B 80 17.50 -7.09 -3.12
N CYS B 81 17.60 -7.69 -1.94
CA CYS B 81 17.93 -9.11 -1.85
C CYS B 81 17.61 -9.56 -0.44
N PHE B 82 16.77 -10.58 -0.29
CA PHE B 82 16.53 -11.16 1.02
C PHE B 82 17.04 -12.59 1.07
N ALA B 83 17.60 -12.96 2.20
CA ALA B 83 18.18 -14.27 2.44
C ALA B 83 17.27 -14.97 3.44
N SER B 84 16.57 -16.01 3.02
CA SER B 84 15.59 -16.66 3.87
C SER B 84 16.13 -17.95 4.47
N MET B 85 16.10 -18.03 5.79
CA MET B 85 16.28 -19.28 6.50
CA MET B 85 16.27 -19.29 6.49
C MET B 85 14.96 -19.73 7.13
N LEU B 86 13.84 -19.25 6.61
CA LEU B 86 12.53 -19.60 7.12
C LEU B 86 12.16 -21.01 6.69
N THR B 87 11.23 -21.60 7.44
CA THR B 87 10.82 -22.98 7.25
C THR B 87 9.32 -23.13 7.01
N LYS B 88 8.55 -22.04 7.18
CA LYS B 88 7.11 -22.00 6.95
C LYS B 88 6.77 -20.67 6.30
N LYS B 89 5.49 -20.53 5.94
CA LYS B 89 4.95 -19.26 5.46
C LYS B 89 4.66 -18.32 6.63
N LEU B 90 5.06 -17.06 6.51
CA LEU B 90 4.89 -16.07 7.57
C LEU B 90 3.81 -15.08 7.17
N TYR B 91 2.75 -14.98 7.98
CA TYR B 91 1.69 -13.99 7.79
C TYR B 91 1.52 -13.15 9.04
N PHE B 92 1.15 -11.88 8.82
CA PHE B 92 0.75 -11.00 9.92
C PHE B 92 -0.73 -10.68 9.79
N ARG B 93 -1.54 -11.71 9.64
CA ARG B 93 -2.98 -11.50 9.59
C ARG B 93 -3.43 -10.86 10.90
N PRO B 94 -4.45 -10.01 10.86
CA PRO B 94 -4.85 -9.26 12.05
C PRO B 94 -5.33 -10.18 13.15
N LYS B 95 -5.11 -9.76 14.41
CA LYS B 95 -5.40 -10.63 15.54
C LYS B 95 -6.25 -9.94 16.62
N VAL C 1 18.55 12.35 -4.54
CA VAL C 1 19.00 11.05 -4.03
C VAL C 1 20.44 11.11 -3.48
N GLU C 2 20.67 10.47 -2.34
CA GLU C 2 21.98 10.33 -1.73
C GLU C 2 22.41 8.86 -1.67
N ILE C 3 23.68 8.66 -1.33
CA ILE C 3 24.29 7.32 -1.23
C ILE C 3 24.49 6.99 0.23
N ASP C 4 24.06 5.79 0.66
CA ASP C 4 24.25 5.45 2.07
C ASP C 4 24.50 3.98 2.38
N PHE D 1 -8.70 -12.85 -58.61
CA PHE D 1 -8.49 -11.41 -58.43
C PHE D 1 -7.02 -11.04 -58.22
N TYR D 2 -6.51 -10.11 -59.03
CA TYR D 2 -5.08 -9.79 -58.98
C TYR D 2 -4.69 -9.03 -57.72
N LYS D 3 -5.65 -8.59 -56.91
CA LYS D 3 -5.37 -7.81 -55.71
C LYS D 3 -5.29 -8.70 -54.48
N ARG D 4 -4.39 -8.35 -53.56
CA ARG D 4 -4.30 -9.01 -52.28
C ARG D 4 -5.31 -8.41 -51.31
N GLU D 5 -5.55 -9.16 -50.22
CA GLU D 5 -6.53 -8.77 -49.21
C GLU D 5 -5.87 -7.84 -48.20
N MET D 6 -5.69 -6.58 -48.61
CA MET D 6 -5.07 -5.58 -47.75
C MET D 6 -6.05 -4.91 -46.80
N PHE D 7 -7.33 -4.87 -47.16
CA PHE D 7 -8.30 -4.02 -46.47
C PHE D 7 -9.35 -4.89 -45.79
N ASP D 8 -9.43 -4.78 -44.47
CA ASP D 8 -10.40 -5.54 -43.67
C ASP D 8 -11.49 -4.58 -43.17
N PRO D 9 -12.73 -4.69 -43.65
CA PRO D 9 -13.76 -3.73 -43.24
C PRO D 9 -14.17 -3.86 -41.79
N ALA D 10 -13.75 -4.92 -41.10
CA ALA D 10 -14.07 -5.10 -39.69
C ALA D 10 -12.86 -4.84 -38.80
N GLU D 11 -11.83 -4.19 -39.33
CA GLU D 11 -10.64 -3.91 -38.54
C GLU D 11 -10.97 -3.10 -37.28
N GLU D 12 -10.23 -3.39 -36.21
CA GLU D 12 -10.45 -2.79 -34.91
C GLU D 12 -9.16 -2.21 -34.36
N TYR D 13 -9.30 -1.19 -33.55
CA TYR D 13 -8.16 -0.73 -32.77
C TYR D 13 -7.70 -1.87 -31.88
N LYS D 14 -6.40 -2.01 -31.73
CA LYS D 14 -5.86 -3.10 -30.93
C LYS D 14 -5.89 -2.65 -29.47
N MET D 15 -6.88 -3.12 -28.71
CA MET D 15 -7.07 -2.71 -27.32
C MET D 15 -6.47 -3.71 -26.34
N ASN D 16 -5.32 -4.31 -26.66
CA ASN D 16 -4.76 -5.27 -25.72
C ASN D 16 -3.42 -4.80 -25.19
N HIS D 17 -3.40 -3.63 -24.56
CA HIS D 17 -2.21 -3.13 -23.88
C HIS D 17 -2.35 -3.39 -22.39
N LYS D 18 -1.26 -3.18 -21.66
CA LYS D 18 -1.29 -3.48 -20.24
C LYS D 18 -2.36 -2.66 -19.52
N ARG D 19 -2.66 -1.46 -20.02
CA ARG D 19 -3.61 -0.55 -19.40
C ARG D 19 -4.58 -0.01 -20.44
N ARG D 20 -5.74 0.44 -19.98
CA ARG D 20 -6.64 1.09 -20.93
C ARG D 20 -6.21 2.52 -21.21
N GLY D 21 -5.75 3.21 -20.20
CA GLY D 21 -5.21 4.54 -20.34
C GLY D 21 -5.94 5.55 -19.48
N LEU D 22 -5.53 6.80 -19.64
CA LEU D 22 -5.98 7.89 -18.80
C LEU D 22 -7.34 8.39 -19.26
N ALA D 23 -8.19 8.75 -18.29
CA ALA D 23 -9.45 9.44 -18.53
C ALA D 23 -9.53 10.67 -17.61
N LEU D 24 -9.30 11.85 -18.17
CA LEU D 24 -9.36 13.09 -17.40
CA LEU D 24 -9.36 13.09 -17.40
C LEU D 24 -10.76 13.68 -17.45
N ILE D 25 -11.28 14.09 -16.30
CA ILE D 25 -12.52 14.85 -16.24
C ILE D 25 -12.23 16.24 -15.71
N PHE D 26 -12.67 17.27 -16.43
CA PHE D 26 -12.59 18.64 -15.93
C PHE D 26 -14.00 19.07 -15.58
N ASN D 27 -14.29 19.12 -14.29
CA ASN D 27 -15.60 19.45 -13.76
C ASN D 27 -15.57 20.90 -13.27
N GLN D 28 -16.27 21.78 -13.98
CA GLN D 28 -16.33 23.21 -13.67
C GLN D 28 -17.72 23.53 -13.16
N LYS D 29 -17.82 23.83 -11.86
CA LYS D 29 -19.11 24.12 -11.23
C LYS D 29 -19.33 25.60 -10.99
N ARG D 30 -18.32 26.30 -10.46
CA ARG D 30 -18.40 27.70 -10.09
C ARG D 30 -17.46 28.55 -10.95
N PHE D 31 -17.87 29.79 -11.18
CA PHE D 31 -17.11 30.67 -12.05
C PHE D 31 -16.93 32.01 -11.37
N ASP D 32 -15.90 32.73 -11.81
CA ASP D 32 -15.67 34.10 -11.34
C ASP D 32 -16.83 34.99 -11.76
N TRP D 33 -17.21 35.92 -10.87
CA TRP D 33 -18.43 36.68 -11.09
C TRP D 33 -18.33 37.59 -12.32
N LYS D 34 -17.13 38.06 -12.68
CA LYS D 34 -17.02 38.90 -13.86
C LYS D 34 -17.38 38.15 -15.14
N LEU D 35 -17.43 36.82 -15.11
CA LEU D 35 -17.83 36.05 -16.28
C LEU D 35 -19.34 36.04 -16.48
N GLY D 36 -20.11 36.22 -15.40
CA GLY D 36 -21.56 36.26 -15.53
C GLY D 36 -22.17 34.91 -15.86
N LEU D 37 -21.60 33.84 -15.32
CA LEU D 37 -22.05 32.49 -15.57
C LEU D 37 -22.70 31.94 -14.30
N LYS D 38 -23.83 31.27 -14.46
CA LYS D 38 -24.52 30.68 -13.34
C LYS D 38 -23.80 29.40 -12.90
N THR D 39 -23.95 29.05 -11.61
CA THR D 39 -23.32 27.86 -11.07
C THR D 39 -24.02 26.62 -11.60
N ARG D 40 -23.21 25.66 -12.07
CA ARG D 40 -23.73 24.52 -12.82
C ARG D 40 -24.12 23.39 -11.85
N ASN D 41 -25.24 23.61 -11.18
CA ASN D 41 -25.76 22.64 -10.23
C ASN D 41 -26.17 21.35 -10.94
N GLY D 42 -25.77 20.22 -10.37
CA GLY D 42 -25.99 18.93 -10.98
C GLY D 42 -24.79 18.35 -11.70
N THR D 43 -23.75 19.16 -11.92
CA THR D 43 -22.61 18.67 -12.66
C THR D 43 -21.76 17.70 -11.85
N ASP D 44 -21.86 17.75 -10.52
CA ASP D 44 -21.14 16.78 -9.70
C ASP D 44 -21.70 15.38 -9.86
N LYS D 45 -23.01 15.26 -10.15
CA LYS D 45 -23.57 13.95 -10.48
C LYS D 45 -23.04 13.44 -11.82
N ASP D 46 -22.88 14.34 -12.80
CA ASP D 46 -22.24 13.96 -14.06
C ASP D 46 -20.83 13.44 -13.81
N ARG D 47 -20.03 14.21 -13.07
CA ARG D 47 -18.65 13.83 -12.84
C ARG D 47 -18.57 12.45 -12.20
N ASP D 48 -19.43 12.19 -11.21
CA ASP D 48 -19.34 10.93 -10.51
C ASP D 48 -19.87 9.80 -11.37
N ASN D 49 -21.02 10.02 -12.02
CA ASN D 49 -21.53 9.01 -12.92
C ASN D 49 -20.54 8.72 -14.04
N LEU D 50 -19.84 9.76 -14.53
CA LEU D 50 -18.84 9.53 -15.55
C LEU D 50 -17.64 8.77 -15.02
N GLU D 51 -17.27 9.05 -13.77
CA GLU D 51 -16.12 8.41 -13.15
C GLU D 51 -16.33 6.90 -13.00
N ARG D 52 -17.51 6.48 -12.56
CA ARG D 52 -17.77 5.07 -12.36
C ARG D 52 -17.84 4.31 -13.70
N ARG D 53 -18.38 4.93 -14.75
CA ARG D 53 -18.47 4.21 -16.03
C ARG D 53 -17.10 4.00 -16.64
N PHE D 54 -16.19 4.97 -16.46
CA PHE D 54 -14.88 4.84 -17.07
C PHE D 54 -13.96 3.95 -16.26
N GLN D 55 -14.15 3.92 -14.94
CA GLN D 55 -13.48 2.92 -14.11
C GLN D 55 -13.98 1.52 -14.47
N GLU D 56 -15.29 1.34 -14.55
CA GLU D 56 -15.83 0.04 -14.94
C GLU D 56 -15.32 -0.39 -16.30
N LEU D 57 -14.91 0.55 -17.16
CA LEU D 57 -14.32 0.20 -18.44
C LEU D 57 -12.81 0.02 -18.35
N GLY D 58 -12.21 0.23 -17.18
CA GLY D 58 -10.79 0.05 -17.01
C GLY D 58 -9.91 1.27 -17.13
N PHE D 59 -10.49 2.46 -17.30
CA PHE D 59 -9.66 3.66 -17.37
C PHE D 59 -9.13 4.03 -15.99
N GLU D 60 -7.99 4.70 -15.97
CA GLU D 60 -7.49 5.34 -14.76
C GLU D 60 -8.06 6.75 -14.76
N VAL D 61 -8.93 7.05 -13.80
CA VAL D 61 -9.71 8.28 -13.85
C VAL D 61 -9.03 9.32 -12.98
N LYS D 62 -8.67 10.46 -13.57
CA LYS D 62 -8.20 11.64 -12.85
C LYS D 62 -9.22 12.77 -13.06
N ALA D 63 -9.93 13.15 -12.01
CA ALA D 63 -10.97 14.17 -12.10
C ALA D 63 -10.51 15.43 -11.38
N TYR D 64 -10.86 16.59 -11.93
CA TYR D 64 -10.43 17.90 -11.44
C TYR D 64 -11.62 18.84 -11.30
N ASN D 65 -11.66 19.58 -10.20
CA ASN D 65 -12.80 20.41 -9.85
C ASN D 65 -12.42 21.88 -9.80
N ASP D 66 -13.07 22.69 -10.63
CA ASP D 66 -12.97 24.15 -10.57
C ASP D 66 -11.54 24.64 -10.75
N LEU D 67 -10.79 23.97 -11.61
CA LEU D 67 -9.47 24.43 -12.01
C LEU D 67 -9.58 25.73 -12.80
N SER D 68 -8.52 26.54 -12.68
CA SER D 68 -8.37 27.75 -13.47
C SER D 68 -7.87 27.41 -14.87
N ALA D 69 -7.87 28.42 -15.76
CA ALA D 69 -7.45 28.17 -17.13
C ALA D 69 -5.99 27.75 -17.19
N GLU D 70 -5.12 28.38 -16.39
CA GLU D 70 -3.73 27.93 -16.34
C GLU D 70 -3.62 26.53 -15.75
N GLU D 71 -4.29 26.27 -14.63
CA GLU D 71 -4.30 24.93 -14.07
C GLU D 71 -4.78 23.91 -15.09
N VAL D 72 -5.87 24.22 -15.80
CA VAL D 72 -6.42 23.29 -16.77
C VAL D 72 -5.39 22.97 -17.85
N LEU D 73 -4.73 24.01 -18.38
CA LEU D 73 -3.80 23.78 -19.47
C LEU D 73 -2.55 23.06 -18.98
N GLU D 74 -2.21 23.21 -17.69
CA GLU D 74 -1.02 22.53 -17.17
C GLU D 74 -1.25 21.02 -17.11
N LYS D 75 -2.45 20.59 -16.72
CA LYS D 75 -2.74 19.16 -16.68
C LYS D 75 -2.96 18.58 -18.07
N ILE D 76 -3.52 19.36 -19.00
CA ILE D 76 -3.56 18.90 -20.39
C ILE D 76 -2.14 18.69 -20.88
N GLN D 77 -1.24 19.63 -20.59
CA GLN D 77 0.15 19.48 -21.01
C GLN D 77 0.79 18.28 -20.34
N GLU D 78 0.57 18.12 -19.03
CA GLU D 78 1.05 16.96 -18.30
C GLU D 78 0.70 15.66 -19.00
N ALA D 79 -0.60 15.41 -19.19
CA ALA D 79 -1.02 14.15 -19.77
C ALA D 79 -0.56 14.00 -21.21
N SER D 80 -0.34 15.11 -21.92
CA SER D 80 0.08 14.99 -23.30
C SER D 80 1.55 14.62 -23.44
N THR D 81 2.31 14.66 -22.36
CA THR D 81 3.72 14.31 -22.45
C THR D 81 4.07 13.09 -21.59
N ALA D 82 3.14 12.60 -20.77
CA ALA D 82 3.25 11.26 -20.22
C ALA D 82 3.35 10.25 -21.36
N ASP D 83 3.66 9.00 -21.01
CA ASP D 83 3.88 7.95 -22.00
C ASP D 83 2.70 6.98 -22.01
N HIS D 84 1.98 6.92 -23.13
CA HIS D 84 0.80 6.09 -23.30
C HIS D 84 1.09 4.83 -24.09
N SER D 85 2.36 4.46 -24.25
CA SER D 85 2.69 3.28 -25.06
C SER D 85 2.03 2.02 -24.50
N ASP D 86 1.87 1.93 -23.17
CA ASP D 86 1.21 0.81 -22.52
C ASP D 86 -0.32 0.96 -22.46
N ALA D 87 -0.90 1.92 -23.18
CA ALA D 87 -2.32 2.26 -23.06
C ALA D 87 -3.08 1.96 -24.34
N ASP D 88 -4.38 1.69 -24.17
CA ASP D 88 -5.23 1.45 -25.33
C ASP D 88 -5.64 2.75 -26.01
N CYS D 89 -5.87 3.81 -25.24
CA CYS D 89 -6.47 5.04 -25.75
C CYS D 89 -6.41 6.11 -24.66
N PHE D 90 -6.86 7.31 -25.01
CA PHE D 90 -6.89 8.43 -24.08
C PHE D 90 -8.24 9.13 -24.16
N VAL D 91 -8.81 9.44 -23.00
CA VAL D 91 -10.12 10.09 -22.88
C VAL D 91 -9.95 11.40 -22.13
N CYS D 92 -10.59 12.45 -22.62
CA CYS D 92 -10.69 13.72 -21.91
C CYS D 92 -12.11 14.22 -21.97
N VAL D 93 -12.69 14.50 -20.79
CA VAL D 93 -14.05 15.00 -20.63
C VAL D 93 -14.02 16.42 -20.06
N PHE D 94 -14.87 17.30 -20.61
CA PHE D 94 -14.99 18.66 -20.11
C PHE D 94 -16.45 18.96 -19.82
N LEU D 95 -16.75 19.29 -18.56
CA LEU D 95 -18.10 19.66 -18.13
C LEU D 95 -18.06 21.11 -17.68
N SER D 96 -18.65 22.01 -18.45
CA SER D 96 -18.56 23.45 -18.16
C SER D 96 -19.62 24.22 -18.96
N HIS D 97 -19.54 25.53 -18.90
CA HIS D 97 -20.20 26.37 -19.87
C HIS D 97 -19.31 26.52 -21.10
N GLY D 98 -19.89 27.03 -22.19
CA GLY D 98 -19.06 27.33 -23.33
C GLY D 98 -19.78 28.21 -24.34
N GLU D 99 -19.03 28.59 -25.35
CA GLU D 99 -19.52 29.23 -26.55
C GLU D 99 -18.87 28.56 -27.73
N ASP D 100 -19.25 28.94 -28.96
CA ASP D 100 -18.82 28.25 -30.17
C ASP D 100 -17.30 28.10 -30.23
N GLY D 101 -16.82 26.87 -30.04
CA GLY D 101 -15.41 26.62 -30.03
C GLY D 101 -14.68 26.82 -28.72
N HIS D 102 -15.37 27.24 -27.64
CA HIS D 102 -14.72 27.54 -26.36
C HIS D 102 -15.42 26.86 -25.19
N VAL D 103 -14.63 26.48 -24.20
CA VAL D 103 -15.15 26.04 -22.90
C VAL D 103 -14.62 26.99 -21.85
N TYR D 104 -15.33 27.08 -20.74
CA TYR D 104 -14.99 27.98 -19.66
C TYR D 104 -14.33 27.22 -18.54
N ALA D 105 -13.15 27.69 -18.13
CA ALA D 105 -12.55 27.30 -16.86
C ALA D 105 -13.08 28.25 -15.78
N ASN D 106 -12.44 28.24 -14.62
CA ASN D 106 -12.98 28.99 -13.49
C ASN D 106 -13.04 30.49 -13.79
N ASP D 107 -12.19 30.98 -14.67
CA ASP D 107 -11.90 32.41 -14.80
C ASP D 107 -11.71 32.89 -16.22
N ALA D 108 -11.63 32.00 -17.21
CA ALA D 108 -11.36 32.44 -18.57
C ALA D 108 -11.79 31.35 -19.55
N LYS D 109 -11.86 31.74 -20.82
CA LYS D 109 -12.11 30.84 -21.93
C LYS D 109 -10.90 29.96 -22.21
N ILE D 110 -11.17 28.78 -22.78
CA ILE D 110 -10.16 27.95 -23.41
C ILE D 110 -10.68 27.55 -24.78
N GLU D 111 -9.91 27.82 -25.84
CA GLU D 111 -10.28 27.32 -27.16
C GLU D 111 -10.19 25.80 -27.12
N ILE D 112 -11.22 25.10 -27.62
CA ILE D 112 -11.21 23.64 -27.52
C ILE D 112 -10.01 23.07 -28.26
N GLN D 113 -9.60 23.72 -29.34
CA GLN D 113 -8.32 23.44 -29.99
C GLN D 113 -7.16 23.37 -28.99
N GLU D 114 -7.20 24.18 -27.91
CA GLU D 114 -6.12 24.12 -26.92
C GLU D 114 -6.10 22.79 -26.18
N LEU D 115 -7.21 22.06 -26.17
CA LEU D 115 -7.21 20.77 -25.51
C LEU D 115 -6.64 19.71 -26.43
N THR D 116 -7.08 19.71 -27.67
CA THR D 116 -6.78 18.64 -28.60
C THR D 116 -5.38 18.71 -29.21
N ASN D 117 -4.78 19.90 -29.28
CA ASN D 117 -3.58 20.09 -30.09
C ASN D 117 -2.37 19.29 -29.58
N LEU D 118 -2.17 19.25 -28.25
CA LEU D 118 -1.01 18.55 -27.72
C LEU D 118 -1.10 17.04 -27.83
N PHE D 119 -2.26 16.51 -28.22
CA PHE D 119 -2.43 15.08 -28.39
C PHE D 119 -2.32 14.64 -29.84
N LYS D 120 -1.94 15.54 -30.73
CA LYS D 120 -1.69 15.17 -32.12
C LYS D 120 -0.40 14.34 -32.24
N GLY D 121 -0.26 13.66 -33.37
CA GLY D 121 0.82 12.70 -33.54
C GLY D 121 2.21 13.31 -33.59
N ASP D 122 2.32 14.59 -33.91
CA ASP D 122 3.60 15.26 -33.86
C ASP D 122 3.98 15.72 -32.45
N LYS D 123 3.03 15.76 -31.51
CA LYS D 123 3.32 16.21 -30.16
C LYS D 123 3.26 15.11 -29.12
N CYS D 124 2.67 13.95 -29.46
CA CYS D 124 2.36 12.90 -28.50
C CYS D 124 2.37 11.60 -29.30
N GLN D 125 3.57 11.04 -29.50
CA GLN D 125 3.69 9.94 -30.44
C GLN D 125 3.27 8.61 -29.84
N SER D 126 3.30 8.47 -28.51
CA SER D 126 2.82 7.23 -27.91
C SER D 126 1.31 7.05 -28.08
N LEU D 127 0.59 8.06 -28.58
CA LEU D 127 -0.83 7.91 -28.86
C LEU D 127 -1.12 7.80 -30.35
N VAL D 128 -0.10 7.78 -31.21
CA VAL D 128 -0.34 7.66 -32.65
C VAL D 128 -0.98 6.31 -32.96
N GLY D 129 -2.02 6.34 -33.77
CA GLY D 129 -2.74 5.14 -34.12
C GLY D 129 -3.71 4.66 -33.06
N LYS D 130 -3.70 5.28 -31.86
CA LYS D 130 -4.65 4.95 -30.80
C LYS D 130 -5.76 6.01 -30.74
N PRO D 131 -6.95 5.63 -30.26
CA PRO D 131 -8.05 6.60 -30.22
C PRO D 131 -7.83 7.66 -29.15
N LYS D 132 -8.13 8.91 -29.52
CA LYS D 132 -8.15 10.03 -28.59
C LYS D 132 -9.57 10.58 -28.59
N ILE D 133 -10.22 10.52 -27.44
CA ILE D 133 -11.66 10.73 -27.31
C ILE D 133 -11.88 11.94 -26.44
N PHE D 134 -12.57 12.95 -26.98
CA PHE D 134 -12.87 14.17 -26.25
C PHE D 134 -14.38 14.31 -26.16
N ILE D 135 -14.87 14.47 -24.93
CA ILE D 135 -16.30 14.57 -24.65
C ILE D 135 -16.55 15.93 -24.00
N ILE D 136 -17.49 16.68 -24.54
CA ILE D 136 -17.67 18.07 -24.08
C ILE D 136 -19.15 18.30 -23.79
N GLN D 137 -19.47 18.44 -22.50
CA GLN D 137 -20.81 18.84 -22.08
C GLN D 137 -20.73 20.34 -21.83
N ALA D 138 -21.23 21.13 -22.78
CA ALA D 138 -21.19 22.59 -22.69
C ALA D 138 -22.07 23.19 -23.77
N CYS D 139 -22.52 24.41 -23.53
CA CYS D 139 -23.23 25.13 -24.57
C CYS D 139 -22.29 25.50 -25.71
N ARG D 140 -22.85 25.60 -26.90
CA ARG D 140 -22.04 25.86 -28.10
C ARG D 140 -22.53 27.08 -28.87
N GLY D 141 -23.22 28.00 -28.22
CA GLY D 141 -23.93 29.05 -28.90
C GLY D 141 -25.21 29.35 -28.13
N ASP D 142 -26.09 30.13 -28.76
CA ASP D 142 -27.33 30.55 -28.10
C ASP D 142 -28.58 30.33 -28.96
N LYS D 143 -28.50 29.53 -30.01
CA LYS D 143 -29.66 29.09 -30.78
C LYS D 143 -30.48 28.05 -30.02
N LEU D 144 -31.77 28.01 -30.32
CA LEU D 144 -32.65 26.99 -29.78
C LEU D 144 -33.13 26.09 -30.92
N ASP D 145 -33.16 24.79 -30.69
CA ASP D 145 -33.63 23.86 -31.71
C ASP D 145 -35.13 23.66 -31.55
N ASP D 146 -35.87 23.96 -32.61
CA ASP D 146 -37.31 23.76 -32.60
C ASP D 146 -37.64 22.27 -32.56
N ALA D 147 -38.79 21.95 -31.97
CA ALA D 147 -39.33 20.61 -32.00
C ALA D 147 -40.20 20.42 -33.25
N VAL D 148 -40.01 19.29 -33.94
CA VAL D 148 -40.81 18.92 -35.11
C VAL D 148 -41.47 17.57 -34.85
N THR D 149 -42.34 17.18 -35.78
CA THR D 149 -43.05 15.90 -35.73
C THR D 149 -42.91 15.16 -37.04
N PRO D 150 -42.75 13.83 -37.00
CA PRO D 150 -42.64 13.06 -38.24
C PRO D 150 -43.99 12.97 -38.96
N MET D 151 -43.97 13.18 -40.28
CA MET D 151 -45.19 13.06 -41.09
C MET D 151 -45.26 11.74 -41.87
N TYR E 2 4.98 3.58 -44.13
CA TYR E 2 3.59 3.57 -43.68
C TYR E 2 3.28 4.71 -42.71
N THR E 3 2.58 5.73 -43.21
CA THR E 3 2.39 6.99 -42.50
C THR E 3 0.93 7.20 -42.10
N LEU E 4 0.73 7.98 -41.05
CA LEU E 4 -0.59 8.41 -40.58
C LEU E 4 -0.63 9.93 -40.51
N PRO E 5 -1.81 10.52 -40.71
CA PRO E 5 -1.99 11.96 -40.42
C PRO E 5 -1.93 12.21 -38.91
N ALA E 6 -1.18 13.25 -38.53
CA ALA E 6 -1.09 13.63 -37.11
C ALA E 6 -2.46 13.75 -36.46
N GLY E 7 -3.46 14.22 -37.20
CA GLY E 7 -4.79 14.38 -36.65
C GLY E 7 -5.71 13.17 -36.77
N ALA E 8 -5.14 11.98 -36.88
CA ALA E 8 -5.93 10.76 -37.03
C ALA E 8 -6.41 10.22 -35.68
N ASP E 9 -7.48 9.42 -35.73
CA ASP E 9 -8.01 8.68 -34.57
C ASP E 9 -8.43 9.63 -33.44
N PHE E 10 -9.01 10.76 -33.81
CA PHE E 10 -9.68 11.67 -32.89
C PHE E 10 -11.18 11.46 -33.04
N ILE E 11 -11.92 11.46 -31.94
CA ILE E 11 -13.38 11.57 -32.03
C ILE E 11 -13.85 12.64 -31.04
N MET E 12 -14.62 13.59 -31.54
CA MET E 12 -15.12 14.72 -30.76
C MET E 12 -16.59 14.50 -30.45
N CYS E 13 -16.88 14.34 -29.17
CA CYS E 13 -18.23 14.07 -28.67
C CYS E 13 -18.79 15.35 -28.04
N TYR E 14 -19.75 15.98 -28.74
CA TYR E 14 -20.40 17.20 -28.28
C TYR E 14 -21.81 16.92 -27.82
N SER E 15 -22.18 17.55 -26.70
CA SER E 15 -23.50 17.33 -26.14
C SER E 15 -24.61 17.93 -26.98
N THR E 16 -24.28 18.79 -27.93
CA THR E 16 -25.28 19.55 -28.67
C THR E 16 -24.64 20.04 -29.95
N ALA E 17 -25.49 20.39 -30.92
CA ALA E 17 -24.96 20.82 -32.21
C ALA E 17 -24.30 22.19 -32.09
N GLU E 18 -23.44 22.49 -33.07
CA GLU E 18 -22.71 23.75 -33.10
C GLU E 18 -23.68 24.92 -33.15
N GLY E 19 -23.45 25.93 -32.30
CA GLY E 19 -24.33 27.06 -32.19
C GLY E 19 -25.47 26.94 -31.19
N TYR E 20 -25.70 25.77 -30.59
CA TYR E 20 -26.94 25.52 -29.86
C TYR E 20 -26.73 25.45 -28.35
N TYR E 21 -27.83 25.74 -27.63
CA TYR E 21 -27.90 25.57 -26.18
C TYR E 21 -27.71 24.09 -25.85
N SER E 22 -27.38 23.80 -24.59
CA SER E 22 -27.37 22.43 -24.10
C SER E 22 -27.91 22.44 -22.68
N TYR E 23 -28.58 21.35 -22.28
CA TYR E 23 -29.50 21.37 -21.14
C TYR E 23 -29.06 20.43 -20.03
N ARG E 24 -29.40 20.79 -18.80
CA ARG E 24 -28.92 20.09 -17.61
C ARG E 24 -29.97 20.16 -16.51
N GLU E 25 -30.11 19.08 -15.76
CA GLU E 25 -31.04 19.00 -14.63
C GLU E 25 -30.25 19.13 -13.33
N THR E 26 -30.71 20.00 -12.44
CA THR E 26 -29.88 20.32 -11.29
C THR E 26 -29.77 19.17 -10.29
N VAL E 27 -30.65 18.18 -10.39
CA VAL E 27 -30.64 17.05 -9.48
C VAL E 27 -30.05 15.77 -10.11
N ASN E 28 -30.25 15.55 -11.40
CA ASN E 28 -29.78 14.34 -12.05
C ASN E 28 -28.60 14.54 -12.99
N GLY E 29 -28.30 15.76 -13.36
CA GLY E 29 -27.21 16.04 -14.27
C GLY E 29 -27.67 16.50 -15.65
N SER E 30 -26.70 16.64 -16.53
CA SER E 30 -27.00 17.09 -17.88
C SER E 30 -27.61 15.96 -18.69
N TRP E 31 -28.52 16.34 -19.61
CA TRP E 31 -29.20 15.37 -20.45
C TRP E 31 -28.20 14.45 -21.14
N TYR E 32 -27.16 15.04 -21.71
CA TYR E 32 -26.20 14.28 -22.52
C TYR E 32 -25.45 13.25 -21.70
N ILE E 33 -24.83 13.69 -20.60
CA ILE E 33 -24.02 12.77 -19.79
C ILE E 33 -24.89 11.69 -19.16
N GLN E 34 -26.12 12.04 -18.76
CA GLN E 34 -27.05 11.03 -18.25
C GLN E 34 -27.22 9.90 -19.25
N ASP E 35 -27.56 10.25 -20.48
CA ASP E 35 -27.78 9.22 -21.50
C ASP E 35 -26.48 8.56 -21.90
N LEU E 36 -25.39 9.31 -21.96
CA LEU E 36 -24.10 8.71 -22.29
C LEU E 36 -23.74 7.62 -21.29
N CYS E 37 -23.83 7.92 -19.98
CA CYS E 37 -23.53 6.90 -18.99
C CYS E 37 -24.49 5.73 -19.07
N GLU E 38 -25.78 5.98 -19.27
CA GLU E 38 -26.73 4.88 -19.32
C GLU E 38 -26.40 3.92 -20.46
N MET E 39 -26.15 4.47 -21.65
CA MET E 39 -25.76 3.62 -22.78
C MET E 39 -24.43 2.91 -22.52
N LEU E 40 -23.58 3.49 -21.68
CA LEU E 40 -22.30 2.86 -21.35
C LEU E 40 -22.47 1.79 -20.28
N LYS E 41 -23.15 2.15 -19.19
CA LYS E 41 -23.56 1.19 -18.18
C LYS E 41 -24.25 -0.01 -18.79
N LYS E 42 -24.99 0.18 -19.89
CA LYS E 42 -25.78 -0.90 -20.45
C LYS E 42 -25.19 -1.54 -21.71
N TYR E 43 -24.26 -0.88 -22.42
CA TYR E 43 -23.66 -1.51 -23.59
C TYR E 43 -22.19 -1.19 -23.79
N GLY E 44 -21.53 -0.51 -22.86
CA GLY E 44 -20.18 -0.02 -23.09
C GLY E 44 -19.14 -1.09 -23.41
N SER E 45 -19.36 -2.32 -22.94
CA SER E 45 -18.38 -3.39 -23.10
C SER E 45 -18.66 -4.29 -24.30
N GLU E 46 -19.73 -4.07 -25.03
CA GLU E 46 -20.10 -4.94 -26.14
C GLU E 46 -20.25 -4.21 -27.46
N LEU E 47 -20.91 -3.05 -27.49
CA LEU E 47 -21.16 -2.34 -28.75
C LEU E 47 -19.99 -1.44 -29.13
N GLU E 48 -19.86 -1.20 -30.43
CA GLU E 48 -18.86 -0.28 -30.94
C GLU E 48 -19.13 1.14 -30.44
N PHE E 49 -18.06 1.92 -30.26
CA PHE E 49 -18.20 3.21 -29.61
C PHE E 49 -19.10 4.18 -30.42
N THR E 50 -18.97 4.21 -31.75
CA THR E 50 -19.82 5.16 -32.47
C THR E 50 -21.26 4.67 -32.57
N GLU E 51 -21.49 3.34 -32.47
CA GLU E 51 -22.85 2.85 -32.21
C GLU E 51 -23.35 3.37 -30.86
N ILE E 52 -22.49 3.40 -29.84
CA ILE E 52 -22.92 3.91 -28.54
C ILE E 52 -23.30 5.39 -28.63
N LEU E 53 -22.45 6.20 -29.26
CA LEU E 53 -22.76 7.62 -29.44
C LEU E 53 -24.04 7.82 -30.24
N THR E 54 -24.27 6.96 -31.24
CA THR E 54 -25.50 7.06 -32.01
C THR E 54 -26.73 6.74 -31.17
N LEU E 55 -26.58 5.87 -30.17
CA LEU E 55 -27.67 5.64 -29.22
C LEU E 55 -27.90 6.87 -28.32
N VAL E 56 -26.84 7.53 -27.88
CA VAL E 56 -27.03 8.76 -27.11
C VAL E 56 -27.71 9.82 -27.98
N ASN E 57 -27.32 9.91 -29.25
CA ASN E 57 -27.98 10.84 -30.16
C ASN E 57 -29.48 10.60 -30.17
N ARG E 58 -29.91 9.32 -30.18
CA ARG E 58 -31.34 9.03 -30.18
C ARG E 58 -31.99 9.39 -28.85
N LYS E 59 -31.42 8.92 -27.74
CA LYS E 59 -32.09 9.13 -26.45
C LYS E 59 -32.21 10.62 -26.13
N VAL E 60 -31.17 11.40 -26.43
CA VAL E 60 -31.27 12.83 -26.16
C VAL E 60 -32.30 13.48 -27.07
N SER E 61 -32.35 13.04 -28.33
CA SER E 61 -33.29 13.59 -29.29
C SER E 61 -34.73 13.52 -28.80
N LEU E 62 -35.06 12.60 -27.90
CA LEU E 62 -36.46 12.44 -27.50
C LEU E 62 -36.85 13.34 -26.32
N ARG E 63 -35.92 13.80 -25.51
CA ARG E 63 -36.26 14.68 -24.40
C ARG E 63 -36.78 16.01 -24.92
N SER E 64 -37.61 16.66 -24.11
CA SER E 64 -38.06 18.03 -24.36
C SER E 64 -37.80 18.85 -23.10
N VAL E 65 -37.51 20.14 -23.29
CA VAL E 65 -37.26 20.99 -22.13
C VAL E 65 -38.58 21.17 -21.40
N PRO E 66 -38.71 20.59 -20.20
CA PRO E 66 -39.99 20.68 -19.47
C PRO E 66 -40.28 22.11 -19.02
N ASN E 67 -39.35 22.71 -18.30
CA ASN E 67 -39.50 24.04 -17.74
C ASN E 67 -38.12 24.61 -17.52
N CYS E 68 -38.05 25.94 -17.54
CA CYS E 68 -36.78 26.63 -17.61
C CYS E 68 -37.00 28.06 -17.17
N LYS E 69 -36.05 28.62 -16.42
CA LYS E 69 -36.14 30.05 -16.16
C LYS E 69 -35.97 30.87 -17.44
N ASP E 70 -35.55 30.25 -18.54
CA ASP E 70 -35.65 30.90 -19.84
C ASP E 70 -36.97 30.47 -20.47
N PRO E 71 -37.94 31.37 -20.63
CA PRO E 71 -39.25 30.92 -21.16
C PRO E 71 -39.18 30.44 -22.59
N ALA E 72 -38.35 31.07 -23.43
CA ALA E 72 -38.20 30.65 -24.82
C ALA E 72 -37.60 29.26 -24.96
N ALA E 73 -37.02 28.70 -23.91
CA ALA E 73 -36.42 27.37 -24.00
C ALA E 73 -37.44 26.26 -23.78
N ILE E 74 -38.68 26.60 -23.43
CA ILE E 74 -39.61 25.60 -22.95
C ILE E 74 -40.18 24.82 -24.12
N GLY E 75 -40.08 23.49 -24.04
CA GLY E 75 -40.41 22.61 -25.14
C GLY E 75 -39.34 22.52 -26.21
N LYS E 76 -38.22 23.22 -26.06
CA LYS E 76 -37.16 23.12 -27.04
C LYS E 76 -36.44 21.78 -26.91
N LYS E 77 -35.59 21.48 -27.88
CA LYS E 77 -34.95 20.18 -27.98
C LYS E 77 -33.43 20.33 -28.01
N GLN E 78 -32.74 19.20 -28.07
CA GLN E 78 -31.28 19.17 -28.00
C GLN E 78 -30.79 18.03 -28.89
N MET E 79 -29.92 18.34 -29.86
CA MET E 79 -29.40 17.34 -30.80
C MET E 79 -27.91 17.15 -30.61
N PRO E 80 -27.46 16.11 -29.90
CA PRO E 80 -26.02 15.90 -29.78
C PRO E 80 -25.42 15.64 -31.15
N CYS E 81 -24.09 15.60 -31.16
CA CYS E 81 -23.30 15.58 -32.37
C CYS E 81 -21.97 14.94 -32.05
N PHE E 82 -21.52 14.03 -32.92
CA PHE E 82 -20.15 13.58 -32.77
C PHE E 82 -19.42 13.66 -34.11
N ALA E 83 -18.20 14.17 -34.05
CA ALA E 83 -17.29 14.28 -35.18
C ALA E 83 -16.19 13.24 -35.03
N SER E 84 -16.15 12.29 -35.95
CA SER E 84 -15.23 11.16 -35.85
C SER E 84 -14.21 11.26 -36.96
N MET E 85 -12.94 11.34 -36.57
CA MET E 85 -11.82 11.03 -37.42
C MET E 85 -11.24 9.67 -37.10
N LEU E 86 -12.05 8.76 -36.56
CA LEU E 86 -11.61 7.40 -36.31
C LEU E 86 -11.40 6.66 -37.64
N THR E 87 -10.40 5.78 -37.65
CA THR E 87 -10.11 5.02 -38.85
C THR E 87 -10.49 3.53 -38.73
N LYS E 88 -10.73 3.01 -37.53
CA LYS E 88 -11.13 1.63 -37.32
C LYS E 88 -12.32 1.60 -36.36
N LYS E 89 -12.81 0.39 -36.09
CA LYS E 89 -13.89 0.23 -35.12
C LYS E 89 -13.31 0.14 -33.71
N LEU E 90 -14.01 0.76 -32.76
CA LEU E 90 -13.52 0.97 -31.40
C LEU E 90 -14.41 0.21 -30.43
N TYR E 91 -13.81 -0.76 -29.71
CA TYR E 91 -14.52 -1.54 -28.73
C TYR E 91 -13.88 -1.39 -27.37
N PHE E 92 -14.69 -1.53 -26.32
CA PHE E 92 -14.14 -1.56 -24.97
C PHE E 92 -14.46 -2.87 -24.25
N ARG E 93 -14.14 -4.01 -24.90
CA ARG E 93 -14.37 -5.32 -24.31
C ARG E 93 -13.51 -5.50 -23.05
N PRO E 94 -13.94 -6.36 -22.13
CA PRO E 94 -13.15 -6.55 -20.90
C PRO E 94 -11.79 -7.18 -21.20
N LYS E 95 -10.82 -6.86 -20.35
CA LYS E 95 -9.48 -7.41 -20.47
C LYS E 95 -9.32 -8.67 -19.61
N VAL F 1 -34.89 22.12 -15.68
CA VAL F 1 -33.74 22.27 -16.58
C VAL F 1 -33.08 23.66 -16.56
N GLU F 2 -31.75 23.67 -16.44
CA GLU F 2 -30.93 24.85 -16.63
C GLU F 2 -30.17 24.74 -17.95
N ILE F 3 -29.63 25.89 -18.38
CA ILE F 3 -28.91 26.02 -19.65
C ILE F 3 -27.43 26.15 -19.34
N ASP F 4 -26.58 25.35 -19.98
CA ASP F 4 -25.19 25.46 -19.57
C ASP F 4 -24.13 25.41 -20.67
N PHE G 7 0.56 -2.86 -10.10
CA PHE G 7 1.54 -3.66 -9.36
C PHE G 7 0.99 -4.97 -8.79
N ASP G 8 0.70 -5.91 -9.67
CA ASP G 8 -0.01 -7.12 -9.27
C ASP G 8 0.87 -8.03 -8.41
N PRO G 9 0.40 -8.43 -7.22
CA PRO G 9 1.16 -9.40 -6.42
C PRO G 9 1.39 -10.73 -7.12
N ALA G 10 0.43 -11.19 -7.91
CA ALA G 10 0.53 -12.51 -8.53
C ALA G 10 1.34 -12.50 -9.83
N GLU G 11 1.97 -11.38 -10.18
CA GLU G 11 2.75 -11.32 -11.42
C GLU G 11 3.81 -12.40 -11.44
N GLU G 12 3.90 -13.11 -12.58
CA GLU G 12 4.77 -14.26 -12.76
C GLU G 12 5.77 -14.00 -13.88
N TYR G 13 6.89 -14.72 -13.81
CA TYR G 13 7.81 -14.73 -14.93
C TYR G 13 7.14 -15.43 -16.12
N LYS G 14 7.17 -14.77 -17.27
CA LYS G 14 6.64 -15.39 -18.49
C LYS G 14 7.48 -16.64 -18.76
N MET G 15 6.91 -17.81 -18.53
CA MET G 15 7.65 -19.04 -18.76
C MET G 15 7.04 -19.80 -19.92
N ASN G 16 6.93 -19.15 -21.08
CA ASN G 16 6.30 -19.74 -22.26
C ASN G 16 7.18 -19.58 -23.50
N HIS G 17 8.48 -19.81 -23.36
CA HIS G 17 9.40 -19.82 -24.50
C HIS G 17 9.48 -21.23 -25.11
N LYS G 18 10.20 -21.34 -26.23
CA LYS G 18 10.32 -22.63 -26.91
C LYS G 18 10.95 -23.68 -26.00
N ARG G 19 12.02 -23.32 -25.30
CA ARG G 19 12.74 -24.21 -24.40
C ARG G 19 12.68 -23.66 -22.99
N ARG G 20 12.83 -24.54 -21.99
CA ARG G 20 12.94 -24.01 -20.64
C ARG G 20 14.32 -23.42 -20.37
N GLY G 21 15.39 -24.05 -20.88
CA GLY G 21 16.71 -23.49 -20.82
C GLY G 21 17.73 -24.50 -20.34
N LEU G 22 19.00 -24.08 -20.37
CA LEU G 22 20.07 -24.94 -19.90
C LEU G 22 20.03 -25.12 -18.39
N ALA G 23 20.55 -26.26 -17.94
CA ALA G 23 20.89 -26.53 -16.55
C ALA G 23 22.26 -27.18 -16.55
N LEU G 24 23.18 -26.62 -15.78
CA LEU G 24 24.52 -27.18 -15.63
C LEU G 24 24.65 -27.84 -14.28
N ILE G 25 25.26 -29.02 -14.26
CA ILE G 25 25.69 -29.64 -13.03
C ILE G 25 27.21 -29.71 -13.10
N PHE G 26 27.88 -29.12 -12.13
CA PHE G 26 29.33 -29.23 -11.95
C PHE G 26 29.56 -30.17 -10.79
N ASN G 27 29.87 -31.42 -11.12
CA ASN G 27 30.13 -32.49 -10.17
C ASN G 27 31.64 -32.55 -9.92
N GLN G 28 32.05 -32.38 -8.66
CA GLN G 28 33.46 -32.39 -8.28
C GLN G 28 33.61 -33.43 -7.18
N LYS G 29 34.14 -34.60 -7.52
CA LYS G 29 34.38 -35.68 -6.55
C LYS G 29 35.85 -35.80 -6.13
N ARG G 30 36.78 -35.66 -7.07
CA ARG G 30 38.18 -35.95 -6.81
C ARG G 30 39.01 -34.68 -6.98
N PHE G 31 39.95 -34.48 -6.06
CA PHE G 31 40.66 -33.21 -5.96
C PHE G 31 42.16 -33.47 -5.86
N ASP G 32 42.95 -32.61 -6.51
CA ASP G 32 44.40 -32.59 -6.38
C ASP G 32 44.79 -32.75 -4.91
N TRP G 33 45.74 -33.66 -4.67
CA TRP G 33 46.05 -34.01 -3.29
C TRP G 33 46.63 -32.83 -2.52
N LYS G 34 47.26 -31.87 -3.21
CA LYS G 34 47.79 -30.69 -2.55
C LYS G 34 46.70 -29.84 -1.91
N LEU G 35 45.44 -29.94 -2.35
CA LEU G 35 44.36 -29.17 -1.73
C LEU G 35 43.93 -29.75 -0.37
N GLY G 36 44.38 -30.95 0.00
CA GLY G 36 44.02 -31.52 1.29
C GLY G 36 42.55 -31.82 1.50
N LEU G 37 41.78 -32.04 0.44
CA LEU G 37 40.35 -32.30 0.55
C LEU G 37 40.04 -33.78 0.31
N LYS G 38 39.18 -34.36 1.17
CA LYS G 38 38.72 -35.74 0.98
C LYS G 38 37.98 -35.90 -0.34
N THR G 39 37.88 -37.15 -0.80
CA THR G 39 37.05 -37.48 -1.96
C THR G 39 35.57 -37.38 -1.58
N ARG G 40 34.76 -36.89 -2.52
CA ARG G 40 33.36 -36.59 -2.24
C ARG G 40 32.55 -37.80 -2.70
N ASN G 41 32.40 -38.77 -1.80
CA ASN G 41 31.72 -40.01 -2.13
C ASN G 41 30.21 -39.83 -2.01
N GLY G 42 29.48 -40.30 -3.01
CA GLY G 42 28.04 -40.13 -3.07
C GLY G 42 27.57 -38.96 -3.90
N THR G 43 28.49 -38.14 -4.41
CA THR G 43 28.09 -36.97 -5.16
C THR G 43 27.48 -37.36 -6.51
N ASP G 44 27.88 -38.51 -7.07
CA ASP G 44 27.27 -38.99 -8.31
C ASP G 44 25.77 -39.25 -8.12
N LYS G 45 25.39 -39.83 -6.99
CA LYS G 45 23.97 -39.94 -6.65
C LYS G 45 23.29 -38.57 -6.70
N ASP G 46 23.92 -37.55 -6.10
CA ASP G 46 23.37 -36.19 -6.15
C ASP G 46 23.23 -35.73 -7.59
N ARG G 47 24.30 -35.88 -8.37
CA ARG G 47 24.29 -35.43 -9.75
C ARG G 47 23.24 -36.19 -10.57
N ASP G 48 23.09 -37.50 -10.30
CA ASP G 48 22.09 -38.30 -11.01
C ASP G 48 20.68 -37.83 -10.67
N ASN G 49 20.41 -37.58 -9.38
CA ASN G 49 19.07 -37.21 -8.95
C ASN G 49 18.66 -35.87 -9.52
N LEU G 50 19.58 -34.90 -9.59
CA LEU G 50 19.24 -33.60 -10.16
C LEU G 50 18.96 -33.72 -11.65
N GLU G 51 19.76 -34.50 -12.36
CA GLU G 51 19.59 -34.66 -13.80
C GLU G 51 18.19 -35.14 -14.14
N ARG G 52 17.70 -36.18 -13.43
CA ARG G 52 16.32 -36.62 -13.61
C ARG G 52 15.35 -35.47 -13.35
N ARG G 53 15.45 -34.83 -12.17
CA ARG G 53 14.51 -33.79 -11.78
C ARG G 53 14.51 -32.64 -12.77
N PHE G 54 15.69 -32.16 -13.14
CA PHE G 54 15.76 -31.01 -14.04
C PHE G 54 15.27 -31.37 -15.43
N GLN G 55 15.50 -32.61 -15.87
CA GLN G 55 14.95 -33.06 -17.14
C GLN G 55 13.44 -33.11 -17.10
N GLU G 56 12.86 -33.61 -16.00
CA GLU G 56 11.42 -33.68 -15.90
C GLU G 56 10.78 -32.29 -16.02
N LEU G 57 11.43 -31.26 -15.49
CA LEU G 57 10.89 -29.92 -15.64
C LEU G 57 11.24 -29.31 -16.99
N GLY G 58 11.93 -30.03 -17.86
CA GLY G 58 12.17 -29.58 -19.22
C GLY G 58 13.51 -28.93 -19.48
N PHE G 59 14.47 -29.06 -18.58
CA PHE G 59 15.76 -28.41 -18.75
C PHE G 59 16.70 -29.24 -19.61
N GLU G 60 17.47 -28.56 -20.45
CA GLU G 60 18.57 -29.16 -21.19
C GLU G 60 19.73 -29.42 -20.22
N VAL G 61 19.72 -30.57 -19.55
CA VAL G 61 20.73 -30.85 -18.55
C VAL G 61 22.05 -31.17 -19.22
N LYS G 62 23.14 -30.61 -18.70
CA LYS G 62 24.49 -30.88 -19.18
C LYS G 62 25.37 -30.99 -17.95
N ALA G 63 25.88 -32.18 -17.68
CA ALA G 63 26.65 -32.45 -16.46
C ALA G 63 28.11 -32.61 -16.79
N TYR G 64 28.97 -31.94 -16.02
CA TYR G 64 30.41 -32.04 -16.17
C TYR G 64 31.02 -32.60 -14.89
N ASN G 65 31.98 -33.51 -15.04
CA ASN G 65 32.58 -34.19 -13.90
C ASN G 65 34.05 -33.77 -13.74
N ASP G 66 34.41 -33.41 -12.49
CA ASP G 66 35.78 -33.22 -12.04
C ASP G 66 36.60 -32.30 -12.95
N LEU G 67 35.97 -31.22 -13.40
CA LEU G 67 36.63 -30.28 -14.29
C LEU G 67 37.65 -29.42 -13.54
N SER G 68 38.65 -28.97 -14.28
CA SER G 68 39.66 -28.05 -13.78
C SER G 68 39.07 -26.66 -13.57
N ALA G 69 39.85 -25.81 -12.89
CA ALA G 69 39.44 -24.43 -12.69
C ALA G 69 39.20 -23.74 -14.02
N GLU G 70 40.17 -23.80 -14.93
CA GLU G 70 40.02 -23.15 -16.22
C GLU G 70 39.02 -23.88 -17.10
N GLU G 71 38.91 -25.22 -16.96
CA GLU G 71 37.85 -25.94 -17.67
C GLU G 71 36.48 -25.50 -17.21
N VAL G 72 36.31 -25.22 -15.91
CA VAL G 72 34.99 -24.83 -15.41
C VAL G 72 34.65 -23.43 -15.89
N LEU G 73 35.61 -22.50 -15.77
CA LEU G 73 35.41 -21.15 -16.29
C LEU G 73 35.16 -21.16 -17.79
N GLU G 74 35.80 -22.09 -18.51
CA GLU G 74 35.50 -22.27 -19.91
C GLU G 74 34.04 -22.67 -20.12
N LYS G 75 33.52 -23.57 -19.29
CA LYS G 75 32.19 -24.09 -19.57
C LYS G 75 31.08 -23.14 -19.19
N ILE G 76 31.27 -22.33 -18.14
CA ILE G 76 30.24 -21.32 -17.82
C ILE G 76 30.32 -20.14 -18.78
N GLN G 77 31.52 -19.81 -19.27
CA GLN G 77 31.65 -18.77 -20.28
C GLN G 77 30.94 -19.18 -21.56
N GLU G 78 31.18 -20.42 -22.02
CA GLU G 78 30.44 -20.93 -23.17
C GLU G 78 28.93 -20.82 -22.96
N ALA G 79 28.45 -21.12 -21.75
CA ALA G 79 27.03 -20.99 -21.48
C ALA G 79 26.64 -19.53 -21.27
N SER G 80 27.51 -18.75 -20.64
CA SER G 80 27.18 -17.34 -20.39
C SER G 80 27.00 -16.61 -21.71
N THR G 81 27.65 -17.09 -22.76
CA THR G 81 27.69 -16.45 -24.06
C THR G 81 26.75 -17.08 -25.08
N ALA G 82 26.02 -18.14 -24.72
CA ALA G 82 24.99 -18.65 -25.61
C ALA G 82 23.90 -17.61 -25.83
N ASP G 83 22.98 -17.93 -26.73
CA ASP G 83 21.78 -17.14 -27.00
C ASP G 83 20.62 -17.81 -26.28
N HIS G 84 20.07 -17.14 -25.26
CA HIS G 84 18.99 -17.68 -24.44
C HIS G 84 17.64 -17.06 -24.80
N SER G 85 17.49 -16.55 -26.03
CA SER G 85 16.32 -15.74 -26.36
C SER G 85 15.03 -16.56 -26.32
N ASP G 86 15.09 -17.85 -26.65
CA ASP G 86 13.92 -18.71 -26.55
C ASP G 86 14.03 -19.68 -25.39
N ALA G 87 14.62 -19.24 -24.29
CA ALA G 87 14.76 -20.02 -23.06
C ALA G 87 14.00 -19.34 -21.93
N ASP G 88 13.36 -20.14 -21.07
CA ASP G 88 12.63 -19.61 -19.93
C ASP G 88 13.56 -18.97 -18.89
N CYS G 89 14.73 -19.57 -18.69
CA CYS G 89 15.60 -19.26 -17.56
C CYS G 89 16.89 -20.05 -17.73
N PHE G 90 17.77 -19.91 -16.75
CA PHE G 90 19.05 -20.59 -16.71
C PHE G 90 19.28 -21.18 -15.32
N VAL G 91 19.90 -22.36 -15.26
CA VAL G 91 20.17 -23.04 -13.99
C VAL G 91 21.62 -23.50 -13.98
N CYS G 92 22.25 -23.44 -12.80
CA CYS G 92 23.63 -23.86 -12.63
C CYS G 92 23.78 -24.47 -11.24
N VAL G 93 24.20 -25.72 -11.17
CA VAL G 93 24.35 -26.45 -9.91
C VAL G 93 25.83 -26.76 -9.71
N PHE G 94 26.30 -26.59 -8.48
CA PHE G 94 27.71 -26.82 -8.19
C PHE G 94 27.79 -27.73 -6.98
N LEU G 95 28.51 -28.84 -7.14
CA LEU G 95 28.69 -29.82 -6.08
C LEU G 95 30.19 -29.96 -5.88
N SER G 96 30.66 -29.58 -4.69
CA SER G 96 32.09 -29.50 -4.41
C SER G 96 32.27 -29.21 -2.93
N HIS G 97 33.53 -28.98 -2.56
CA HIS G 97 33.91 -28.31 -1.33
C HIS G 97 33.99 -26.81 -1.57
N GLY G 98 33.83 -26.04 -0.50
CA GLY G 98 33.97 -24.61 -0.63
C GLY G 98 34.38 -23.92 0.65
N GLU G 99 34.93 -22.73 0.47
CA GLU G 99 35.02 -21.72 1.52
C GLU G 99 33.90 -20.72 1.34
N ASP G 100 33.71 -19.86 2.34
CA ASP G 100 32.70 -18.83 2.23
C ASP G 100 32.90 -18.04 0.94
N GLY G 101 31.90 -18.09 0.06
CA GLY G 101 31.98 -17.38 -1.20
C GLY G 101 32.84 -18.05 -2.24
N HIS G 102 33.43 -19.20 -1.92
CA HIS G 102 34.29 -19.89 -2.86
C HIS G 102 33.80 -21.31 -3.04
N VAL G 103 34.21 -21.90 -4.15
CA VAL G 103 33.86 -23.28 -4.47
C VAL G 103 35.07 -23.87 -5.19
N TYR G 104 35.31 -25.16 -4.99
CA TYR G 104 36.52 -25.80 -5.47
C TYR G 104 36.31 -26.57 -6.78
N ALA G 105 37.24 -26.37 -7.72
CA ALA G 105 37.37 -27.26 -8.86
C ALA G 105 38.26 -28.43 -8.44
N ASN G 106 38.73 -29.27 -9.38
CA ASN G 106 39.63 -30.32 -8.92
C ASN G 106 41.03 -29.82 -8.58
N ASP G 107 41.37 -28.58 -8.97
CA ASP G 107 42.72 -28.09 -8.84
C ASP G 107 42.86 -26.80 -8.04
N ALA G 108 41.77 -26.05 -7.82
CA ALA G 108 41.89 -24.72 -7.26
C ALA G 108 40.51 -24.23 -6.81
N LYS G 109 40.55 -23.20 -5.95
CA LYS G 109 39.35 -22.49 -5.51
C LYS G 109 38.82 -21.58 -6.60
N ILE G 110 37.48 -21.56 -6.75
CA ILE G 110 36.78 -20.62 -7.63
C ILE G 110 35.86 -19.73 -6.79
N GLU G 111 36.01 -18.41 -6.94
CA GLU G 111 35.10 -17.44 -6.37
C GLU G 111 33.69 -17.61 -6.94
N ILE G 112 32.69 -17.82 -6.07
CA ILE G 112 31.31 -17.99 -6.54
C ILE G 112 30.87 -16.80 -7.39
N GLN G 113 31.34 -15.61 -7.06
CA GLN G 113 31.02 -14.43 -7.84
C GLN G 113 31.50 -14.54 -9.28
N GLU G 114 32.60 -15.27 -9.52
CA GLU G 114 33.08 -15.46 -10.89
C GLU G 114 32.06 -16.22 -11.73
N LEU G 115 31.37 -17.19 -11.12
CA LEU G 115 30.29 -17.87 -11.83
C LEU G 115 29.20 -16.87 -12.23
N THR G 116 28.64 -16.17 -11.24
CA THR G 116 27.44 -15.37 -11.49
C THR G 116 27.73 -14.15 -12.36
N ASN G 117 28.92 -13.54 -12.22
CA ASN G 117 29.19 -12.25 -12.84
C ASN G 117 28.87 -12.25 -14.32
N LEU G 118 29.13 -13.36 -15.01
CA LEU G 118 29.00 -13.36 -16.46
C LEU G 118 27.56 -13.56 -16.92
N PHE G 119 26.60 -13.71 -16.00
CA PHE G 119 25.19 -13.82 -16.34
C PHE G 119 24.43 -12.56 -15.99
N LYS G 120 25.10 -11.56 -15.42
CA LYS G 120 24.46 -10.29 -15.18
C LYS G 120 24.09 -9.64 -16.52
N GLY G 121 23.05 -8.80 -16.48
CA GLY G 121 22.42 -8.33 -17.70
C GLY G 121 23.30 -7.47 -18.59
N ASP G 122 24.32 -6.82 -18.03
CA ASP G 122 25.25 -6.06 -18.86
C ASP G 122 26.16 -6.98 -19.67
N LYS G 123 26.30 -8.26 -19.27
CA LYS G 123 27.17 -9.22 -19.94
C LYS G 123 26.41 -10.36 -20.60
N CYS G 124 25.10 -10.47 -20.39
CA CYS G 124 24.34 -11.51 -21.06
C CYS G 124 22.92 -10.99 -21.25
N GLN G 125 22.72 -10.18 -22.31
CA GLN G 125 21.45 -9.51 -22.53
C GLN G 125 20.29 -10.49 -22.65
N SER G 126 20.53 -11.70 -23.19
CA SER G 126 19.43 -12.61 -23.52
C SER G 126 18.80 -13.28 -22.29
N LEU G 127 19.29 -13.01 -21.09
CA LEU G 127 18.66 -13.50 -19.88
C LEU G 127 18.06 -12.39 -19.04
N VAL G 128 18.21 -11.12 -19.47
CA VAL G 128 17.63 -9.98 -18.75
C VAL G 128 16.14 -10.19 -18.61
N GLY G 129 15.66 -10.09 -17.37
CA GLY G 129 14.27 -10.37 -17.03
C GLY G 129 13.94 -11.82 -16.78
N LYS G 130 14.90 -12.74 -16.98
CA LYS G 130 14.64 -14.17 -16.80
C LYS G 130 15.35 -14.71 -15.58
N PRO G 131 14.76 -15.68 -14.90
CA PRO G 131 15.39 -16.21 -13.67
C PRO G 131 16.76 -16.84 -13.91
N LYS G 132 17.69 -16.53 -13.02
CA LYS G 132 19.03 -17.13 -13.01
C LYS G 132 19.21 -17.84 -11.67
N ILE G 133 19.24 -19.18 -11.70
CA ILE G 133 19.12 -20.03 -10.50
C ILE G 133 20.45 -20.76 -10.27
N PHE G 134 21.11 -20.49 -9.15
CA PHE G 134 22.37 -21.15 -8.82
C PHE G 134 22.19 -21.97 -7.55
N ILE G 135 22.49 -23.26 -7.64
CA ILE G 135 22.41 -24.18 -6.51
C ILE G 135 23.84 -24.58 -6.16
N ILE G 136 24.20 -24.47 -4.88
CA ILE G 136 25.56 -24.65 -4.44
C ILE G 136 25.50 -25.56 -3.23
N GLN G 137 25.69 -26.86 -3.47
CA GLN G 137 25.99 -27.82 -2.42
C GLN G 137 27.49 -27.75 -2.16
N ALA G 138 27.87 -27.14 -1.03
CA ALA G 138 29.28 -26.92 -0.68
C ALA G 138 29.38 -26.39 0.73
N CYS G 139 30.50 -26.64 1.38
CA CYS G 139 30.76 -26.05 2.69
C CYS G 139 30.96 -24.55 2.53
N ARG G 140 30.51 -23.80 3.53
CA ARG G 140 30.68 -22.35 3.54
C ARG G 140 31.47 -21.90 4.76
N GLY G 141 32.22 -22.81 5.36
CA GLY G 141 32.88 -22.57 6.62
C GLY G 141 33.01 -23.86 7.39
N ASP G 142 33.58 -23.75 8.58
CA ASP G 142 33.89 -24.91 9.39
C ASP G 142 33.03 -25.03 10.65
N LYS G 143 32.17 -24.05 10.93
CA LYS G 143 31.31 -24.21 12.09
C LYS G 143 30.24 -25.25 11.80
N LEU G 144 29.71 -25.84 12.87
CA LEU G 144 28.57 -26.74 12.74
C LEU G 144 27.45 -26.25 13.64
N ASP G 145 26.24 -26.27 13.12
CA ASP G 145 25.10 -25.72 13.83
C ASP G 145 24.69 -26.65 14.97
N ASP G 146 24.38 -26.05 16.10
CA ASP G 146 24.00 -26.80 17.29
C ASP G 146 22.49 -27.04 17.25
N ALA G 147 22.06 -28.07 17.98
CA ALA G 147 20.67 -28.49 17.98
C ALA G 147 19.94 -27.88 19.18
N VAL G 148 18.72 -27.42 18.93
CA VAL G 148 17.90 -26.73 19.92
C VAL G 148 16.47 -27.20 19.73
N THR G 149 15.66 -27.06 20.77
CA THR G 149 14.25 -27.44 20.70
C THR G 149 13.39 -26.29 21.25
N PRO G 150 12.12 -26.26 20.85
CA PRO G 150 11.23 -25.20 21.36
C PRO G 150 10.78 -25.42 22.79
N MET G 151 10.63 -24.31 23.51
CA MET G 151 10.23 -24.30 24.93
C MET G 151 8.82 -24.89 25.15
N VAL H 1 9.09 -3.42 -16.68
CA VAL H 1 10.33 -3.80 -17.36
C VAL H 1 10.83 -2.66 -18.23
N TYR H 2 11.07 -1.47 -17.67
CA TYR H 2 11.68 -0.47 -18.54
C TYR H 2 13.21 -0.46 -18.44
N THR H 3 13.77 -0.36 -17.24
CA THR H 3 15.13 -0.84 -17.04
C THR H 3 15.16 -1.69 -15.79
N LEU H 4 16.11 -2.62 -15.77
CA LEU H 4 16.36 -3.44 -14.60
C LEU H 4 17.82 -3.34 -14.19
N PRO H 5 18.14 -3.61 -12.94
CA PRO H 5 19.55 -3.68 -12.56
C PRO H 5 20.19 -4.90 -13.19
N ALA H 6 21.43 -4.77 -13.61
CA ALA H 6 22.20 -5.89 -14.14
C ALA H 6 22.14 -7.13 -13.23
N GLY H 7 21.93 -6.92 -11.93
CA GLY H 7 21.92 -8.02 -10.99
C GLY H 7 20.54 -8.57 -10.65
N ALA H 8 19.49 -8.17 -11.36
CA ALA H 8 18.14 -8.60 -11.06
C ALA H 8 17.91 -10.05 -11.48
N ASP H 9 16.92 -10.68 -10.83
CA ASP H 9 16.36 -12.00 -11.16
C ASP H 9 17.34 -13.18 -10.92
N PHE H 10 18.34 -13.00 -10.06
CA PHE H 10 19.11 -14.11 -9.51
C PHE H 10 18.44 -14.70 -8.28
N ILE H 11 18.68 -15.99 -8.04
CA ILE H 11 18.33 -16.62 -6.78
C ILE H 11 19.41 -17.65 -6.44
N MET H 12 20.09 -17.45 -5.31
CA MET H 12 21.17 -18.32 -4.90
C MET H 12 20.63 -19.27 -3.83
N CYS H 13 20.82 -20.57 -4.06
CA CYS H 13 20.28 -21.62 -3.20
C CYS H 13 21.46 -22.38 -2.60
N TYR H 14 21.66 -22.24 -1.30
CA TYR H 14 22.83 -22.77 -0.63
C TYR H 14 22.40 -23.88 0.32
N SER H 15 23.22 -24.94 0.37
CA SER H 15 22.91 -26.05 1.27
C SER H 15 22.96 -25.61 2.73
N THR H 16 23.69 -24.53 3.01
CA THR H 16 24.06 -24.20 4.38
C THR H 16 24.23 -22.68 4.54
N ALA H 17 24.10 -22.22 5.79
CA ALA H 17 24.30 -20.81 6.08
C ALA H 17 25.78 -20.45 5.97
N GLU H 18 26.06 -19.16 5.89
CA GLU H 18 27.45 -18.70 5.78
C GLU H 18 28.25 -19.09 7.02
N GLY H 19 29.41 -19.73 6.79
CA GLY H 19 30.23 -20.26 7.88
C GLY H 19 29.88 -21.64 8.38
N TYR H 20 29.30 -22.52 7.55
CA TYR H 20 28.81 -23.79 8.08
C TYR H 20 29.08 -24.96 7.14
N TYR H 21 29.21 -26.14 7.76
CA TYR H 21 29.39 -27.42 7.06
C TYR H 21 28.09 -27.91 6.46
N SER H 22 28.21 -28.62 5.35
CA SER H 22 27.17 -29.52 4.86
C SER H 22 27.61 -30.96 5.02
N TYR H 23 26.69 -31.83 5.44
CA TYR H 23 26.85 -33.28 5.27
C TYR H 23 25.49 -33.94 5.00
N GLU H 25 26.91 -39.18 1.63
CA GLU H 25 26.25 -39.12 2.93
C GLU H 25 25.11 -40.13 2.97
N THR H 26 24.03 -39.84 3.69
CA THR H 26 23.05 -40.88 4.02
C THR H 26 22.44 -41.60 2.82
N VAL H 27 23.14 -42.61 2.29
CA VAL H 27 22.65 -43.58 1.30
C VAL H 27 22.26 -42.91 -0.02
N ASN H 28 21.47 -41.84 0.05
CA ASN H 28 21.01 -41.14 -1.14
C ASN H 28 21.91 -39.99 -1.57
N GLY H 29 22.96 -39.66 -0.81
CA GLY H 29 23.79 -38.49 -1.06
C GLY H 29 23.56 -37.38 -0.05
N SER H 30 23.86 -36.14 -0.49
CA SER H 30 23.76 -34.95 0.37
C SER H 30 22.36 -34.77 0.93
N TRP H 31 22.29 -34.36 2.20
CA TRP H 31 21.00 -34.01 2.80
C TRP H 31 20.23 -33.01 1.93
N TYR H 32 20.92 -31.97 1.46
CA TYR H 32 20.26 -30.87 0.77
C TYR H 32 19.76 -31.30 -0.61
N ILE H 33 20.66 -31.87 -1.41
CA ILE H 33 20.28 -32.25 -2.78
C ILE H 33 19.21 -33.34 -2.75
N GLN H 34 19.34 -34.31 -1.85
CA GLN H 34 18.32 -35.34 -1.72
C GLN H 34 16.97 -34.75 -1.33
N ASP H 35 16.97 -33.73 -0.47
CA ASP H 35 15.69 -33.16 -0.04
C ASP H 35 15.14 -32.12 -1.02
N LEU H 36 16.02 -31.49 -1.82
CA LEU H 36 15.56 -30.64 -2.92
C LEU H 36 14.95 -31.46 -4.05
N CYS H 37 15.57 -32.61 -4.37
CA CYS H 37 15.06 -33.43 -5.45
C CYS H 37 13.72 -34.04 -5.06
N GLU H 38 13.58 -34.43 -3.79
CA GLU H 38 12.31 -34.96 -3.32
C GLU H 38 11.21 -33.91 -3.41
N MET H 39 11.56 -32.65 -3.14
CA MET H 39 10.54 -31.61 -3.22
C MET H 39 10.22 -31.25 -4.66
N LEU H 40 11.24 -31.20 -5.52
CA LEU H 40 10.97 -30.95 -6.93
C LEU H 40 10.11 -32.06 -7.54
N LYS H 41 10.35 -33.31 -7.16
CA LYS H 41 9.54 -34.39 -7.72
C LYS H 41 8.09 -34.31 -7.22
N LYS H 42 7.90 -34.00 -5.94
CA LYS H 42 6.53 -33.90 -5.44
C LYS H 42 5.80 -32.67 -5.98
N TYR H 43 6.50 -31.53 -6.08
CA TYR H 43 5.84 -30.23 -6.24
C TYR H 43 6.45 -29.32 -7.30
N GLY H 44 7.59 -29.68 -7.89
CA GLY H 44 8.28 -28.76 -8.78
C GLY H 44 7.42 -28.23 -9.90
N SER H 45 6.63 -29.10 -10.54
CA SER H 45 5.78 -28.70 -11.65
C SER H 45 4.58 -27.88 -11.20
N GLU H 46 4.28 -27.87 -9.91
CA GLU H 46 3.04 -27.34 -9.37
C GLU H 46 3.21 -26.13 -8.45
N LEU H 47 4.30 -26.07 -7.66
CA LEU H 47 4.50 -25.05 -6.63
C LEU H 47 5.43 -23.94 -7.10
N GLU H 48 5.30 -22.77 -6.46
CA GLU H 48 6.27 -21.70 -6.71
C GLU H 48 7.63 -22.08 -6.15
N PHE H 49 8.69 -21.57 -6.78
CA PHE H 49 10.03 -22.08 -6.51
C PHE H 49 10.49 -21.73 -5.10
N THR H 50 10.18 -20.52 -4.61
CA THR H 50 10.59 -20.18 -3.24
C THR H 50 9.74 -20.91 -2.19
N GLU H 51 8.48 -21.24 -2.51
CA GLU H 51 7.75 -22.22 -1.69
C GLU H 51 8.52 -23.54 -1.62
N ILE H 52 9.02 -24.02 -2.77
CA ILE H 52 9.76 -25.28 -2.76
C ILE H 52 10.98 -25.17 -1.86
N LEU H 53 11.75 -24.08 -2.01
CA LEU H 53 12.98 -23.91 -1.23
C LEU H 53 12.70 -23.85 0.27
N THR H 54 11.63 -23.18 0.66
CA THR H 54 11.25 -23.15 2.06
C THR H 54 10.96 -24.55 2.59
N LEU H 55 10.27 -25.38 1.79
CA LEU H 55 10.04 -26.78 2.17
C LEU H 55 11.35 -27.52 2.35
N VAL H 56 12.32 -27.24 1.48
CA VAL H 56 13.65 -27.84 1.60
C VAL H 56 14.33 -27.37 2.89
N ASN H 57 14.26 -26.06 3.16
CA ASN H 57 14.72 -25.52 4.43
C ASN H 57 14.10 -26.28 5.60
N ARG H 58 12.81 -26.54 5.56
CA ARG H 58 12.16 -27.25 6.65
C ARG H 58 12.66 -28.67 6.75
N LYS H 59 12.69 -29.38 5.62
CA LYS H 59 13.05 -30.78 5.62
C LYS H 59 14.47 -30.99 6.15
N VAL H 60 15.45 -30.26 5.59
CA VAL H 60 16.82 -30.37 6.10
C VAL H 60 16.88 -30.04 7.58
N SER H 61 16.13 -29.04 8.03
CA SER H 61 16.26 -28.56 9.41
C SER H 61 15.88 -29.62 10.44
N LEU H 62 15.22 -30.71 10.02
CA LEU H 62 14.85 -31.79 10.92
C LEU H 62 15.80 -32.97 10.86
N ARG H 63 16.71 -32.97 9.89
CA ARG H 63 17.76 -33.98 9.85
C ARG H 63 18.74 -33.76 11.02
N SER H 64 19.35 -34.84 11.48
CA SER H 64 20.38 -34.75 12.52
C SER H 64 21.54 -35.67 12.17
N VAL H 65 22.74 -35.25 12.55
CA VAL H 65 23.87 -36.14 12.29
C VAL H 65 23.72 -37.38 13.19
N PRO H 66 23.75 -38.57 12.62
CA PRO H 66 23.63 -39.80 13.44
C PRO H 66 24.98 -40.11 14.10
N ASN H 67 24.99 -41.23 14.84
CA ASN H 67 26.24 -41.69 15.40
C ASN H 67 27.27 -41.84 14.29
N CYS H 68 28.49 -41.38 14.55
CA CYS H 68 29.52 -41.32 13.52
C CYS H 68 30.89 -41.19 14.19
N LYS H 69 31.93 -41.01 13.35
CA LYS H 69 33.31 -41.10 13.81
C LYS H 69 33.80 -39.82 14.48
N ASP H 70 33.13 -38.70 14.27
CA ASP H 70 33.57 -37.44 14.88
C ASP H 70 32.68 -37.14 16.07
N PRO H 71 33.23 -37.16 17.29
CA PRO H 71 32.39 -36.94 18.49
C PRO H 71 31.61 -35.63 18.48
N ALA H 72 32.22 -34.54 18.02
CA ALA H 72 31.55 -33.25 18.14
C ALA H 72 30.50 -33.05 17.05
N ALA H 73 30.53 -33.86 15.98
CA ALA H 73 29.51 -33.74 14.95
C ALA H 73 28.22 -34.46 15.31
N ILE H 74 28.27 -35.45 16.21
CA ILE H 74 27.08 -36.26 16.47
C ILE H 74 25.96 -35.39 17.00
N GLY H 75 24.79 -35.50 16.34
CA GLY H 75 23.58 -34.81 16.76
C GLY H 75 23.42 -33.39 16.24
N LYS H 76 24.33 -32.93 15.38
CA LYS H 76 24.37 -31.55 14.93
C LYS H 76 23.51 -31.33 13.68
N LYS H 77 23.35 -30.06 13.30
CA LYS H 77 22.32 -29.67 12.37
C LYS H 77 22.89 -28.99 11.13
N GLN H 78 22.05 -28.90 10.11
CA GLN H 78 22.35 -28.11 8.91
C GLN H 78 21.14 -27.27 8.56
N MET H 79 21.38 -26.01 8.22
CA MET H 79 20.32 -25.06 7.87
C MET H 79 20.58 -24.46 6.51
N PRO H 80 19.84 -24.83 5.47
CA PRO H 80 20.04 -24.20 4.18
C PRO H 80 19.47 -22.78 4.18
N CYS H 81 19.82 -22.07 3.12
CA CYS H 81 19.54 -20.67 2.96
C CYS H 81 19.35 -20.41 1.46
N PHE H 82 18.42 -19.53 1.10
CA PHE H 82 18.44 -19.01 -0.26
C PHE H 82 18.40 -17.49 -0.23
N ALA H 83 19.10 -16.87 -1.18
CA ALA H 83 19.16 -15.42 -1.32
C ALA H 83 18.50 -15.02 -2.63
N SER H 84 17.38 -14.30 -2.53
CA SER H 84 16.50 -13.99 -3.65
C SER H 84 16.66 -12.55 -4.11
N MET H 85 17.05 -12.39 -5.38
CA MET H 85 16.91 -11.14 -6.12
C MET H 85 15.85 -11.27 -7.21
N LEU H 86 14.89 -12.15 -7.01
CA LEU H 86 13.80 -12.35 -7.96
C LEU H 86 12.73 -11.29 -7.75
N THR H 87 12.10 -10.89 -8.85
CA THR H 87 11.11 -9.82 -8.80
C THR H 87 9.68 -10.30 -8.99
N LYS H 88 9.47 -11.54 -9.44
CA LYS H 88 8.14 -12.11 -9.61
C LYS H 88 8.15 -13.57 -9.17
N LYS H 89 6.96 -14.14 -9.00
CA LYS H 89 6.81 -15.56 -8.68
C LYS H 89 7.33 -16.45 -9.81
N LEU H 90 8.06 -17.51 -9.44
CA LEU H 90 8.67 -18.42 -10.40
C LEU H 90 7.97 -19.77 -10.35
N TYR H 91 7.47 -20.22 -11.50
CA TYR H 91 6.78 -21.50 -11.61
C TYR H 91 7.40 -22.29 -12.75
N PHE H 92 7.45 -23.62 -12.58
CA PHE H 92 7.79 -24.54 -13.66
C PHE H 92 6.62 -25.46 -14.02
N ARG H 93 5.49 -24.88 -14.44
CA ARG H 93 4.37 -25.69 -14.90
C ARG H 93 4.71 -26.32 -16.24
N PRO H 94 4.19 -27.52 -16.51
CA PRO H 94 4.60 -28.25 -17.73
C PRO H 94 4.31 -27.47 -19.00
N LYS H 95 5.29 -27.49 -19.90
CA LYS H 95 5.17 -26.95 -21.24
C LYS H 95 4.48 -27.97 -22.18
N ASP I 8 -47.20 27.39 32.74
CA ASP I 8 -46.17 28.41 32.49
C ASP I 8 -45.33 28.07 31.27
N PRO I 9 -45.49 28.84 30.19
CA PRO I 9 -44.79 28.51 28.94
C PRO I 9 -43.32 28.83 29.02
N ALA I 10 -42.81 29.09 30.23
CA ALA I 10 -41.40 29.41 30.43
C ALA I 10 -40.86 28.81 31.71
N GLU I 11 -41.38 27.66 32.14
CA GLU I 11 -40.81 27.01 33.31
C GLU I 11 -39.36 26.61 33.04
N GLU I 12 -38.51 26.84 34.04
CA GLU I 12 -37.09 26.56 33.93
C GLU I 12 -36.70 25.46 34.93
N TYR I 13 -35.58 24.83 34.64
CA TYR I 13 -34.95 23.91 35.58
C TYR I 13 -34.47 24.70 36.80
N LYS I 14 -34.80 24.20 37.99
CA LYS I 14 -34.30 24.83 39.21
C LYS I 14 -32.78 24.71 39.25
N MET I 15 -32.07 25.77 38.88
CA MET I 15 -30.60 25.74 38.83
C MET I 15 -29.97 26.53 39.97
N ASN I 16 -30.43 26.31 41.21
CA ASN I 16 -29.93 27.05 42.36
C ASN I 16 -29.39 26.11 43.44
N HIS I 17 -28.85 24.97 43.05
CA HIS I 17 -28.31 24.03 44.04
C HIS I 17 -26.93 24.51 44.50
N LYS I 18 -26.41 23.82 45.54
CA LYS I 18 -25.16 24.24 46.19
C LYS I 18 -24.00 24.29 45.20
N ARG I 19 -23.70 23.17 44.57
CA ARG I 19 -22.75 23.11 43.45
C ARG I 19 -23.52 22.91 42.16
N ARG I 20 -22.84 23.14 41.04
CA ARG I 20 -23.51 22.94 39.74
C ARG I 20 -23.61 21.44 39.41
N GLY I 21 -22.48 20.76 39.33
CA GLY I 21 -22.47 19.34 39.11
C GLY I 21 -21.20 18.92 38.42
N LEU I 22 -21.07 17.61 38.23
CA LEU I 22 -19.88 17.04 37.61
C LEU I 22 -19.85 17.31 36.11
N ALA I 23 -18.65 17.19 35.53
CA ALA I 23 -18.54 17.36 34.08
C ALA I 23 -17.40 16.46 33.60
N LEU I 24 -17.71 15.18 33.44
CA LEU I 24 -16.75 14.23 32.89
C LEU I 24 -16.48 14.54 31.42
N ILE I 25 -15.21 14.60 31.07
CA ILE I 25 -14.75 14.62 29.68
C ILE I 25 -14.01 13.31 29.45
N PHE I 26 -14.26 12.66 28.32
CA PHE I 26 -13.58 11.40 28.00
C PHE I 26 -12.77 11.61 26.72
N ASN I 27 -11.49 11.89 26.89
CA ASN I 27 -10.62 12.21 25.77
C ASN I 27 -9.97 10.93 25.28
N GLN I 28 -10.33 10.48 24.09
CA GLN I 28 -9.78 9.26 23.51
C GLN I 28 -8.92 9.66 22.31
N LYS I 29 -7.60 9.69 22.53
CA LYS I 29 -6.64 10.09 21.51
C LYS I 29 -6.04 8.90 20.77
N ARG I 30 -5.54 7.91 21.52
CA ARG I 30 -4.75 6.82 20.97
C ARG I 30 -5.46 5.49 21.20
N PHE I 31 -5.35 4.59 20.22
CA PHE I 31 -6.15 3.38 20.18
C PHE I 31 -5.29 2.16 19.90
N ASP I 32 -5.59 1.05 20.59
CA ASP I 32 -4.91 -0.21 20.38
C ASP I 32 -4.96 -0.63 18.92
N TRP I 33 -3.86 -1.22 18.45
CA TRP I 33 -3.70 -1.50 17.02
C TRP I 33 -4.79 -2.41 16.49
N LYS I 34 -5.32 -3.31 17.33
CA LYS I 34 -6.34 -4.25 16.90
C LYS I 34 -7.62 -3.57 16.43
N LEU I 35 -7.80 -2.27 16.70
CA LEU I 35 -9.00 -1.56 16.28
C LEU I 35 -8.88 -0.91 14.91
N GLY I 36 -7.66 -0.66 14.43
CA GLY I 36 -7.48 -0.02 13.14
C GLY I 36 -7.91 1.44 13.07
N LEU I 37 -7.61 2.22 14.11
CA LEU I 37 -8.11 3.58 14.24
C LEU I 37 -6.95 4.58 14.23
N LYS I 38 -7.01 5.56 13.34
CA LYS I 38 -5.96 6.58 13.29
C LYS I 38 -5.94 7.38 14.59
N THR I 39 -4.73 7.71 15.06
CA THR I 39 -4.61 8.51 16.28
C THR I 39 -5.27 9.86 16.06
N ARG I 40 -6.09 10.27 17.03
CA ARG I 40 -6.94 11.44 16.86
C ARG I 40 -6.18 12.71 17.30
N ASN I 41 -5.61 13.42 16.33
CA ASN I 41 -4.85 14.63 16.60
C ASN I 41 -5.79 15.82 16.80
N GLY I 42 -5.67 16.48 17.95
CA GLY I 42 -6.39 17.73 18.21
C GLY I 42 -7.37 17.66 19.35
N THR I 43 -7.67 16.46 19.85
CA THR I 43 -8.65 16.30 20.90
C THR I 43 -8.12 16.71 22.26
N ASP I 44 -6.81 16.91 22.39
CA ASP I 44 -6.25 17.52 23.58
C ASP I 44 -6.68 18.98 23.68
N LYS I 45 -6.52 19.74 22.59
CA LYS I 45 -7.03 21.10 22.55
C LYS I 45 -8.52 21.13 22.86
N ASP I 46 -9.29 20.29 22.17
CA ASP I 46 -10.71 20.11 22.48
C ASP I 46 -10.94 19.92 23.97
N ARG I 47 -10.29 18.90 24.54
CA ARG I 47 -10.50 18.54 25.94
C ARG I 47 -10.32 19.73 26.89
N ASP I 48 -9.28 20.53 26.66
CA ASP I 48 -8.98 21.60 27.62
C ASP I 48 -9.82 22.85 27.38
N ASN I 49 -10.29 23.08 26.16
CA ASN I 49 -11.22 24.19 25.99
C ASN I 49 -12.52 23.91 26.71
N LEU I 50 -13.04 22.69 26.59
CA LEU I 50 -14.24 22.30 27.32
C LEU I 50 -14.07 22.45 28.82
N GLU I 51 -12.90 22.05 29.35
CA GLU I 51 -12.64 22.17 30.79
C GLU I 51 -12.69 23.63 31.25
N ARG I 52 -12.13 24.54 30.46
CA ARG I 52 -12.25 25.97 30.76
C ARG I 52 -13.70 26.39 30.76
N ARG I 53 -14.45 26.00 29.72
CA ARG I 53 -15.82 26.50 29.59
C ARG I 53 -16.75 25.91 30.63
N PHE I 54 -16.53 24.65 31.03
CA PHE I 54 -17.39 24.08 32.07
C PHE I 54 -16.98 24.57 33.46
N GLN I 55 -15.71 24.92 33.64
CA GLN I 55 -15.33 25.61 34.88
C GLN I 55 -16.01 26.97 34.97
N GLU I 56 -15.85 27.81 33.95
CA GLU I 56 -16.47 29.12 33.97
C GLU I 56 -17.99 29.03 34.04
N LEU I 57 -18.56 27.89 33.66
CA LEU I 57 -19.95 27.60 33.93
C LEU I 57 -20.18 27.00 35.32
N GLY I 58 -19.11 26.68 36.04
CA GLY I 58 -19.21 26.26 37.42
C GLY I 58 -19.16 24.76 37.69
N PHE I 59 -18.60 23.96 36.80
CA PHE I 59 -18.61 22.50 36.90
C PHE I 59 -17.33 21.99 37.57
N GLU I 60 -17.49 20.91 38.34
CA GLU I 60 -16.35 20.12 38.80
C GLU I 60 -15.93 19.24 37.62
N VAL I 61 -14.94 19.69 36.85
CA VAL I 61 -14.55 18.99 35.63
C VAL I 61 -13.62 17.84 35.98
N LYS I 62 -13.80 16.71 35.30
CA LYS I 62 -12.96 15.53 35.50
C LYS I 62 -12.60 14.99 34.11
N ALA I 63 -11.43 15.37 33.60
CA ALA I 63 -10.97 14.90 32.31
C ALA I 63 -10.20 13.59 32.45
N TYR I 64 -10.64 12.56 31.73
CA TYR I 64 -9.97 11.26 31.68
C TYR I 64 -9.44 11.01 30.28
N ASN I 65 -8.14 10.71 30.17
CA ASN I 65 -7.48 10.53 28.87
C ASN I 65 -7.26 9.05 28.58
N ASP I 66 -7.68 8.61 27.39
CA ASP I 66 -7.29 7.32 26.81
C ASP I 66 -7.64 6.12 27.70
N LEU I 67 -8.70 6.23 28.49
CA LEU I 67 -9.14 5.09 29.30
C LEU I 67 -9.64 3.95 28.41
N SER I 68 -9.48 2.73 28.90
CA SER I 68 -10.03 1.57 28.21
C SER I 68 -11.50 1.39 28.56
N ALA I 69 -12.17 0.51 27.82
CA ALA I 69 -13.61 0.35 27.94
C ALA I 69 -14.00 -0.02 29.38
N GLU I 70 -13.34 -1.04 29.95
CA GLU I 70 -13.59 -1.39 31.35
C GLU I 70 -13.47 -0.16 32.26
N GLU I 71 -12.43 0.66 32.05
CA GLU I 71 -12.16 1.80 32.91
C GLU I 71 -13.15 2.94 32.67
N VAL I 72 -13.57 3.13 31.41
CA VAL I 72 -14.57 4.15 31.11
C VAL I 72 -15.87 3.86 31.86
N LEU I 73 -16.42 2.66 31.66
CA LEU I 73 -17.62 2.27 32.41
C LEU I 73 -17.34 2.17 33.90
N GLU I 74 -16.08 2.02 34.29
CA GLU I 74 -15.73 2.18 35.69
C GLU I 74 -15.99 3.61 36.15
N LYS I 75 -15.36 4.58 35.49
CA LYS I 75 -15.54 5.98 35.87
C LYS I 75 -16.98 6.43 35.65
N ILE I 76 -17.63 5.93 34.60
CA ILE I 76 -19.03 6.26 34.37
C ILE I 76 -19.89 5.77 35.53
N GLN I 77 -19.71 4.50 35.93
CA GLN I 77 -20.51 3.94 37.01
C GLN I 77 -20.29 4.69 38.32
N GLU I 78 -19.05 5.12 38.58
CA GLU I 78 -18.79 5.94 39.76
C GLU I 78 -19.67 7.17 39.78
N ALA I 79 -19.67 7.94 38.68
CA ALA I 79 -20.52 9.13 38.61
C ALA I 79 -21.98 8.78 38.85
N SER I 80 -22.48 7.74 38.17
CA SER I 80 -23.86 7.33 38.41
C SER I 80 -24.07 6.89 39.86
N THR I 81 -23.00 6.43 40.54
CA THR I 81 -23.07 5.96 41.93
C THR I 81 -23.04 7.09 42.96
N ALA I 82 -22.56 8.28 42.60
CA ALA I 82 -22.47 9.38 43.55
C ALA I 82 -23.86 9.89 43.92
N ASP I 83 -23.88 10.94 44.73
CA ASP I 83 -25.11 11.61 45.14
C ASP I 83 -25.16 13.01 44.56
N HIS I 84 -26.24 13.33 43.87
CA HIS I 84 -26.37 14.58 43.14
C HIS I 84 -27.42 15.50 43.76
N SER I 85 -27.68 15.30 45.06
CA SER I 85 -28.63 16.17 45.76
C SER I 85 -28.27 17.64 45.63
N ASP I 86 -26.97 17.97 45.79
CA ASP I 86 -26.54 19.36 45.75
C ASP I 86 -26.14 19.83 44.36
N ALA I 87 -26.52 19.11 43.31
CA ALA I 87 -26.09 19.44 41.96
C ALA I 87 -27.26 19.98 41.14
N ASP I 88 -26.92 20.88 40.21
CA ASP I 88 -27.91 21.39 39.26
C ASP I 88 -28.26 20.36 38.19
N CYS I 89 -27.31 19.50 37.85
CA CYS I 89 -27.37 18.71 36.63
C CYS I 89 -26.12 17.86 36.45
N PHE I 90 -26.04 17.12 35.33
CA PHE I 90 -24.88 16.28 35.02
C PHE I 90 -24.48 16.48 33.55
N VAL I 91 -23.17 16.51 33.28
CA VAL I 91 -22.62 16.70 31.95
C VAL I 91 -21.55 15.64 31.70
N CYS I 92 -21.69 14.88 30.60
CA CYS I 92 -20.69 13.90 30.20
C CYS I 92 -20.34 14.12 28.74
N VAL I 93 -19.07 14.41 28.47
CA VAL I 93 -18.59 14.64 27.13
C VAL I 93 -17.76 13.44 26.71
N PHE I 94 -17.74 13.16 25.42
CA PHE I 94 -17.04 11.98 24.91
C PHE I 94 -16.45 12.33 23.54
N LEU I 95 -15.14 12.23 23.43
CA LEU I 95 -14.41 12.60 22.21
CA LEU I 95 -14.42 12.59 22.21
C LEU I 95 -13.64 11.37 21.75
N SER I 96 -14.04 10.81 20.62
CA SER I 96 -13.50 9.53 20.15
C SER I 96 -13.87 9.31 18.69
N HIS I 97 -13.44 8.16 18.19
CA HIS I 97 -13.99 7.58 16.98
C HIS I 97 -15.34 6.95 17.31
N GLY I 98 -16.13 6.68 16.27
CA GLY I 98 -17.44 6.12 16.50
C GLY I 98 -18.13 5.73 15.22
N GLU I 99 -19.02 4.77 15.34
CA GLU I 99 -20.07 4.44 14.37
C GLU I 99 -21.41 4.86 14.97
N ASP I 100 -22.48 4.70 14.19
CA ASP I 100 -23.81 4.99 14.70
C ASP I 100 -24.12 4.13 15.93
N GLY I 101 -24.46 4.80 17.04
CA GLY I 101 -24.81 4.14 18.28
C GLY I 101 -23.65 3.84 19.21
N HIS I 102 -22.40 3.98 18.74
CA HIS I 102 -21.23 3.52 19.48
C HIS I 102 -20.11 4.55 19.46
N VAL I 103 -19.35 4.59 20.55
CA VAL I 103 -18.07 5.28 20.65
C VAL I 103 -17.00 4.26 21.01
N TYR I 104 -15.74 4.63 20.80
CA TYR I 104 -14.61 3.76 21.10
C TYR I 104 -13.90 4.18 22.38
N ALA I 105 -13.50 3.19 23.17
CA ALA I 105 -12.41 3.36 24.14
C ALA I 105 -11.10 3.13 23.39
N ASN I 106 -10.00 2.89 24.11
CA ASN I 106 -8.76 2.66 23.38
C ASN I 106 -8.62 1.21 22.89
N ASP I 107 -9.60 0.35 23.17
CA ASP I 107 -9.52 -1.09 22.91
C ASP I 107 -10.81 -1.71 22.39
N ALA I 108 -11.96 -1.10 22.65
CA ALA I 108 -13.26 -1.71 22.35
C ALA I 108 -14.29 -0.59 22.21
N LYS I 109 -15.35 -0.89 21.48
CA LYS I 109 -16.39 0.09 21.31
C LYS I 109 -17.39 -0.01 22.46
N ILE I 110 -17.95 1.13 22.83
CA ILE I 110 -19.02 1.21 23.82
C ILE I 110 -20.30 1.56 23.08
N GLU I 111 -21.43 1.01 23.53
CA GLU I 111 -22.72 1.51 23.10
C GLU I 111 -23.08 2.77 23.87
N ILE I 112 -23.59 3.78 23.16
CA ILE I 112 -23.93 5.04 23.80
C ILE I 112 -24.96 4.85 24.90
N GLN I 113 -25.88 3.89 24.74
CA GLN I 113 -26.81 3.56 25.82
C GLN I 113 -26.07 3.10 27.08
N GLU I 114 -24.95 2.39 26.93
CA GLU I 114 -24.17 1.98 28.10
C GLU I 114 -23.81 3.17 28.98
N LEU I 115 -23.45 4.30 28.37
CA LEU I 115 -23.19 5.50 29.16
C LEU I 115 -24.45 6.01 29.83
N THR I 116 -25.52 6.18 29.04
CA THR I 116 -26.68 6.94 29.51
C THR I 116 -27.52 6.15 30.49
N ASN I 117 -27.62 4.83 30.32
CA ASN I 117 -28.61 4.08 31.07
C ASN I 117 -28.32 4.04 32.56
N LEU I 118 -27.07 4.28 32.96
CA LEU I 118 -26.76 4.35 34.37
C LEU I 118 -27.36 5.58 35.03
N PHE I 119 -27.70 6.62 34.25
CA PHE I 119 -28.22 7.87 34.77
C PHE I 119 -29.74 7.99 34.64
N LYS I 120 -30.42 6.95 34.17
CA LYS I 120 -31.87 7.05 34.10
C LYS I 120 -32.46 7.11 35.51
N GLY I 121 -33.72 7.57 35.57
CA GLY I 121 -34.31 7.94 36.86
C GLY I 121 -34.22 6.84 37.90
N ASP I 122 -34.45 5.59 37.50
CA ASP I 122 -34.52 4.50 38.47
C ASP I 122 -33.15 4.14 39.02
N LYS I 123 -32.13 4.08 38.16
CA LYS I 123 -30.78 3.71 38.59
C LYS I 123 -29.99 4.89 39.14
N CYS I 124 -30.61 6.05 39.29
CA CYS I 124 -29.95 7.24 39.81
C CYS I 124 -31.00 8.30 40.17
N GLN I 125 -31.51 8.26 41.39
CA GLN I 125 -32.59 9.14 41.81
C GLN I 125 -32.15 10.58 42.05
N SER I 126 -30.88 10.78 42.44
CA SER I 126 -30.43 12.14 42.76
C SER I 126 -30.31 13.03 41.53
N LEU I 127 -30.53 12.48 40.33
CA LEU I 127 -30.56 13.28 39.12
C LEU I 127 -31.95 13.42 38.57
N VAL I 128 -32.96 12.81 39.22
CA VAL I 128 -34.31 12.80 38.69
C VAL I 128 -34.84 14.21 38.62
N GLY I 129 -35.41 14.56 37.46
CA GLY I 129 -35.90 15.91 37.25
C GLY I 129 -34.83 16.95 37.01
N LYS I 130 -33.61 16.54 36.66
CA LYS I 130 -32.46 17.43 36.46
C LYS I 130 -31.79 17.17 35.12
N PRO I 131 -31.29 18.21 34.46
CA PRO I 131 -30.71 18.03 33.12
C PRO I 131 -29.54 17.07 33.15
N LYS I 132 -29.61 16.06 32.29
CA LYS I 132 -28.47 15.17 32.02
C LYS I 132 -28.03 15.43 30.58
N ILE I 133 -26.88 16.09 30.42
CA ILE I 133 -26.40 16.54 29.12
C ILE I 133 -25.28 15.62 28.66
N PHE I 134 -25.37 15.14 27.43
CA PHE I 134 -24.36 14.27 26.87
C PHE I 134 -23.87 14.87 25.56
N ILE I 135 -22.58 15.11 25.46
CA ILE I 135 -22.00 15.70 24.27
C ILE I 135 -21.08 14.66 23.63
N ILE I 136 -21.40 14.29 22.39
CA ILE I 136 -20.65 13.25 21.70
C ILE I 136 -19.99 13.88 20.48
N GLN I 137 -18.66 13.98 20.50
CA GLN I 137 -17.86 14.31 19.32
C GLN I 137 -17.29 13.00 18.81
N ALA I 138 -17.86 12.51 17.71
CA ALA I 138 -17.56 11.19 17.20
C ALA I 138 -18.28 11.03 15.87
N CYS I 139 -17.66 10.30 14.95
CA CYS I 139 -18.36 9.97 13.73
C CYS I 139 -19.58 9.10 14.05
N ARG I 140 -20.58 9.18 13.19
CA ARG I 140 -21.84 8.47 13.37
C ARG I 140 -22.21 7.70 12.12
N GLY I 141 -21.22 7.39 11.30
CA GLY I 141 -21.46 6.80 10.01
C GLY I 141 -20.30 7.12 9.10
N ASP I 142 -20.45 6.73 7.85
CA ASP I 142 -19.38 6.89 6.86
C ASP I 142 -19.72 7.88 5.77
N LYS I 143 -20.90 8.51 5.85
CA LYS I 143 -21.34 9.40 4.78
C LYS I 143 -20.73 10.79 4.92
N LEU I 144 -20.64 11.48 3.79
CA LEU I 144 -20.22 12.87 3.70
C LEU I 144 -21.41 13.68 3.19
N ASP I 145 -21.61 14.89 3.73
CA ASP I 145 -22.79 15.66 3.37
C ASP I 145 -22.47 16.74 2.32
N ASP I 146 -23.29 16.75 1.26
CA ASP I 146 -23.13 17.70 0.16
C ASP I 146 -23.22 19.14 0.64
N ALA I 147 -22.57 20.02 -0.12
CA ALA I 147 -22.70 21.45 0.02
C ALA I 147 -23.78 21.93 -0.94
N VAL I 148 -24.73 22.71 -0.42
CA VAL I 148 -25.79 23.25 -1.24
C VAL I 148 -25.86 24.76 -1.01
N THR I 149 -26.56 25.43 -1.93
CA THR I 149 -26.70 26.88 -1.90
C THR I 149 -28.16 27.22 -2.18
N PRO I 150 -28.72 28.15 -1.41
CA PRO I 150 -30.16 28.45 -1.57
C PRO I 150 -30.48 29.19 -2.87
N MET I 151 -31.77 29.49 -3.09
CA MET I 151 -32.18 30.41 -4.16
C MET I 151 -32.01 31.84 -3.68
N TYR J 2 -47.27 13.56 40.45
CA TYR J 2 -46.02 14.06 39.89
C TYR J 2 -44.97 12.95 39.74
N THR J 3 -45.14 12.14 38.70
CA THR J 3 -44.18 11.13 38.30
C THR J 3 -43.46 11.57 37.03
N LEU J 4 -42.24 11.12 36.87
CA LEU J 4 -41.51 11.41 35.65
C LEU J 4 -41.06 10.13 34.96
N PRO J 5 -41.09 10.09 33.63
CA PRO J 5 -40.50 8.94 32.95
C PRO J 5 -39.02 8.82 33.28
N ALA J 6 -38.58 7.57 33.50
CA ALA J 6 -37.17 7.32 33.75
C ALA J 6 -36.27 7.91 32.67
N GLY J 7 -36.79 8.08 31.44
CA GLY J 7 -36.04 8.67 30.36
C GLY J 7 -36.06 10.18 30.29
N ALA J 8 -36.67 10.85 31.27
CA ALA J 8 -36.90 12.28 31.16
C ALA J 8 -35.61 13.08 31.35
N ASP J 9 -35.59 14.27 30.73
CA ASP J 9 -34.61 15.33 31.01
C ASP J 9 -33.19 14.97 30.58
N PHE J 10 -33.05 14.16 29.55
CA PHE J 10 -31.78 14.03 28.85
C PHE J 10 -31.71 15.02 27.69
N ILE J 11 -30.48 15.35 27.29
CA ILE J 11 -30.27 16.00 26.00
C ILE J 11 -28.96 15.51 25.44
N MET J 12 -29.04 14.92 24.24
CA MET J 12 -27.91 14.32 23.55
C MET J 12 -27.46 15.29 22.47
N CYS J 13 -26.19 15.68 22.51
CA CYS J 13 -25.64 16.70 21.64
C CYS J 13 -24.59 16.07 20.74
N TYR J 14 -24.95 15.86 19.48
CA TYR J 14 -24.12 15.12 18.53
C TYR J 14 -23.43 16.08 17.58
N SER J 15 -22.15 15.83 17.36
CA SER J 15 -21.39 16.64 16.42
C SER J 15 -21.81 16.44 14.98
N THR J 16 -22.77 15.57 14.71
CA THR J 16 -23.16 15.28 13.34
C THR J 16 -24.45 14.46 13.35
N ALA J 17 -25.19 14.52 12.25
CA ALA J 17 -26.39 13.71 12.11
C ALA J 17 -26.04 12.22 12.08
N GLU J 18 -27.05 11.39 12.26
CA GLU J 18 -26.84 9.95 12.24
C GLU J 18 -26.41 9.51 10.86
N GLY J 19 -25.22 8.90 10.76
CA GLY J 19 -24.75 8.36 9.50
C GLY J 19 -23.58 9.07 8.86
N TYR J 20 -23.04 10.12 9.47
CA TYR J 20 -22.08 10.99 8.80
C TYR J 20 -20.79 11.11 9.59
N TYR J 21 -19.75 11.60 8.91
CA TYR J 21 -18.51 11.94 9.58
C TYR J 21 -18.63 13.24 10.38
N SER J 22 -17.86 13.34 11.45
CA SER J 22 -17.48 14.61 12.03
C SER J 22 -16.06 14.95 11.59
N TYR J 23 -15.72 16.22 11.68
CA TYR J 23 -14.44 16.70 11.22
C TYR J 23 -13.67 17.35 12.36
N ARG J 24 -12.37 17.10 12.35
CA ARG J 24 -11.47 17.53 13.41
C ARG J 24 -10.24 18.11 12.74
N GLU J 25 -9.97 19.38 12.98
CA GLU J 25 -8.73 20.00 12.50
C GLU J 25 -7.61 19.71 13.50
N THR J 26 -6.43 19.34 12.97
CA THR J 26 -5.39 18.76 13.81
C THR J 26 -4.88 19.73 14.88
N VAL J 27 -5.03 21.03 14.66
CA VAL J 27 -4.48 22.02 15.59
C VAL J 27 -5.58 22.61 16.44
N ASN J 28 -6.59 23.21 15.80
CA ASN J 28 -7.66 23.90 16.53
C ASN J 28 -8.55 22.92 17.29
N GLY J 29 -8.72 21.71 16.76
CA GLY J 29 -9.58 20.70 17.37
C GLY J 29 -10.67 20.23 16.44
N SER J 30 -11.78 19.74 17.00
CA SER J 30 -12.94 19.35 16.21
C SER J 30 -13.83 20.56 15.95
N TRP J 31 -14.37 20.65 14.74
CA TRP J 31 -15.28 21.74 14.37
C TRP J 31 -16.36 21.95 15.43
N TYR J 32 -17.01 20.87 15.82
CA TYR J 32 -18.16 20.97 16.72
C TYR J 32 -17.76 21.54 18.08
N ILE J 33 -16.65 21.07 18.66
CA ILE J 33 -16.27 21.53 20.01
C ILE J 33 -15.77 22.97 19.96
N GLN J 34 -15.01 23.33 18.92
CA GLN J 34 -14.59 24.71 18.72
C GLN J 34 -15.77 25.66 18.81
N ASP J 35 -16.76 25.48 17.92
CA ASP J 35 -17.92 26.37 17.88
C ASP J 35 -18.76 26.26 19.15
N LEU J 36 -18.75 25.09 19.80
CA LEU J 36 -19.56 24.93 21.01
C LEU J 36 -18.93 25.66 22.21
N CYS J 37 -17.59 25.69 22.29
CA CYS J 37 -16.93 26.50 23.31
C CYS J 37 -17.02 27.99 23.02
N GLU J 38 -16.98 28.41 21.75
CA GLU J 38 -17.26 29.80 21.39
C GLU J 38 -18.62 30.24 21.91
N MET J 39 -19.68 29.50 21.54
CA MET J 39 -21.02 29.93 21.93
C MET J 39 -21.20 29.86 23.44
N LEU J 40 -20.51 28.92 24.09
CA LEU J 40 -20.54 28.90 25.55
C LEU J 40 -19.75 30.06 26.13
N LYS J 41 -18.62 30.41 25.48
CA LYS J 41 -17.83 31.56 25.95
C LYS J 41 -18.62 32.85 25.78
N LYS J 42 -19.31 33.01 24.65
CA LYS J 42 -20.06 34.24 24.39
C LYS J 42 -21.40 34.24 25.13
N TYR J 43 -22.21 33.19 24.98
CA TYR J 43 -23.58 33.20 25.50
C TYR J 43 -23.88 32.15 26.55
N GLY J 44 -22.90 31.37 26.99
CA GLY J 44 -23.18 30.28 27.93
C GLY J 44 -23.87 30.73 29.20
N SER J 45 -23.59 31.95 29.65
CA SER J 45 -24.16 32.46 30.89
C SER J 45 -25.45 33.24 30.67
N GLU J 46 -25.84 33.49 29.41
CA GLU J 46 -26.94 34.38 29.07
C GLU J 46 -28.12 33.67 28.41
N LEU J 47 -27.88 32.83 27.40
CA LEU J 47 -28.95 32.21 26.63
C LEU J 47 -29.28 30.81 27.12
N GLU J 48 -30.44 30.32 26.68
CA GLU J 48 -30.91 28.98 27.03
C GLU J 48 -30.12 27.93 26.26
N PHE J 49 -29.93 26.77 26.90
CA PHE J 49 -28.98 25.77 26.39
C PHE J 49 -29.34 25.30 24.98
N THR J 50 -30.64 25.08 24.70
CA THR J 50 -30.98 24.66 23.35
C THR J 50 -30.87 25.81 22.37
N GLU J 51 -31.05 27.05 22.85
CA GLU J 51 -30.73 28.22 22.04
C GLU J 51 -29.26 28.20 21.64
N ILE J 52 -28.38 27.97 22.60
CA ILE J 52 -26.95 27.90 22.31
C ILE J 52 -26.68 26.78 21.29
N LEU J 53 -27.23 25.59 21.55
CA LEU J 53 -27.00 24.44 20.66
C LEU J 53 -27.47 24.73 19.24
N THR J 54 -28.60 25.44 19.10
CA THR J 54 -29.05 25.85 17.77
C THR J 54 -28.09 26.84 17.14
N LEU J 55 -27.46 27.69 17.95
CA LEU J 55 -26.40 28.55 17.44
C LEU J 55 -25.20 27.73 17.00
N VAL J 56 -24.86 26.68 17.75
CA VAL J 56 -23.74 25.83 17.36
C VAL J 56 -24.04 25.11 16.05
N ASN J 57 -25.31 24.73 15.85
CA ASN J 57 -25.69 24.17 14.56
C ASN J 57 -25.34 25.13 13.44
N ARG J 58 -25.70 26.41 13.60
CA ARG J 58 -25.47 27.40 12.54
C ARG J 58 -23.98 27.59 12.29
N LYS J 59 -23.18 27.76 13.36
CA LYS J 59 -21.74 27.94 13.24
C LYS J 59 -21.11 26.81 12.43
N VAL J 60 -21.39 25.56 12.81
CA VAL J 60 -20.79 24.43 12.10
C VAL J 60 -21.32 24.32 10.68
N SER J 61 -22.59 24.70 10.46
CA SER J 61 -23.18 24.66 9.12
C SER J 61 -22.42 25.55 8.14
N LEU J 62 -21.81 26.62 8.63
CA LEU J 62 -21.18 27.60 7.76
C LEU J 62 -19.78 27.18 7.32
N ARG J 63 -19.20 26.15 7.94
CA ARG J 63 -17.87 25.69 7.59
C ARG J 63 -17.91 24.82 6.33
N SER J 64 -16.71 24.62 5.76
CA SER J 64 -16.49 23.75 4.62
C SER J 64 -15.09 23.17 4.78
N VAL J 65 -14.87 22.01 4.17
CA VAL J 65 -13.57 21.35 4.34
C VAL J 65 -12.69 21.79 3.17
N PRO J 66 -11.46 22.27 3.45
CA PRO J 66 -10.50 22.69 2.42
C PRO J 66 -9.48 21.62 2.07
N ALA J 73 -12.36 14.20 -0.76
CA ALA J 73 -13.68 14.66 -0.35
C ALA J 73 -13.60 16.07 0.28
N ILE J 74 -13.18 17.05 -0.53
CA ILE J 74 -13.00 18.43 -0.09
C ILE J 74 -14.21 19.24 -0.54
N GLY J 75 -14.54 20.28 0.22
CA GLY J 75 -15.73 21.08 0.00
C GLY J 75 -16.96 20.61 0.75
N LYS J 76 -16.79 19.71 1.72
CA LYS J 76 -17.89 19.00 2.35
C LYS J 76 -18.31 19.68 3.64
N LYS J 77 -19.52 19.33 4.09
CA LYS J 77 -20.22 20.03 5.15
C LYS J 77 -20.40 19.10 6.34
N GLN J 78 -20.94 19.67 7.41
CA GLN J 78 -21.24 18.92 8.62
C GLN J 78 -22.46 19.56 9.27
N MET J 79 -23.48 18.75 9.56
CA MET J 79 -24.68 19.25 10.23
C MET J 79 -24.82 18.64 11.61
N PRO J 80 -24.40 19.34 12.67
CA PRO J 80 -24.65 18.86 14.04
C PRO J 80 -26.13 18.66 14.29
N CYS J 81 -26.39 17.93 15.38
CA CYS J 81 -27.75 17.55 15.71
C CYS J 81 -27.86 17.44 17.22
N PHE J 82 -28.95 17.93 17.78
CA PHE J 82 -29.21 17.61 19.18
C PHE J 82 -30.62 17.05 19.33
N ALA J 83 -30.71 16.02 20.18
CA ALA J 83 -31.96 15.34 20.51
C ALA J 83 -32.30 15.70 21.93
N SER J 84 -33.45 16.34 22.12
CA SER J 84 -33.78 16.91 23.41
C SER J 84 -34.95 16.15 24.02
N MET J 85 -34.75 15.65 25.22
CA MET J 85 -35.84 15.20 26.05
C MET J 85 -35.99 16.09 27.27
N LEU J 86 -35.58 17.35 27.13
CA LEU J 86 -35.77 18.32 28.20
C LEU J 86 -37.24 18.73 28.28
N THR J 87 -37.63 19.21 29.45
CA THR J 87 -39.01 19.57 29.72
C THR J 87 -39.16 21.02 30.15
N LYS J 88 -38.06 21.75 30.28
CA LYS J 88 -38.04 23.14 30.75
C LYS J 88 -36.91 23.86 30.02
N LYS J 89 -36.87 25.19 30.18
CA LYS J 89 -35.77 25.97 29.62
C LYS J 89 -34.55 25.80 30.53
N LEU J 90 -33.38 25.59 29.93
CA LEU J 90 -32.17 25.24 30.67
C LEU J 90 -31.16 26.37 30.57
N TYR J 91 -30.79 26.94 31.74
CA TYR J 91 -29.88 28.07 31.80
C TYR J 91 -28.72 27.77 32.76
N PHE J 92 -27.57 28.35 32.45
CA PHE J 92 -26.39 28.29 33.31
C PHE J 92 -26.03 29.69 33.79
N ARG J 93 -26.97 30.38 34.43
CA ARG J 93 -26.69 31.71 34.95
C ARG J 93 -25.75 31.61 36.14
N PRO J 94 -24.99 32.68 36.42
CA PRO J 94 -23.98 32.61 37.49
C PRO J 94 -24.60 32.38 38.86
N LYS J 95 -23.86 31.64 39.70
CA LYS J 95 -24.25 31.29 41.08
C LYS J 95 -25.68 30.73 41.18
N VAL K 1 -7.64 19.02 8.96
CA VAL K 1 -8.99 18.50 9.20
C VAL K 1 -9.12 16.98 8.97
N GLU K 2 -9.18 16.23 10.06
CA GLU K 2 -9.28 14.78 10.02
C GLU K 2 -10.70 14.30 10.29
N ILE K 3 -11.01 13.11 9.79
CA ILE K 3 -12.28 12.43 10.08
C ILE K 3 -12.13 11.66 11.38
N ASP K 4 -13.07 11.84 12.31
CA ASP K 4 -13.00 11.12 13.59
C ASP K 4 -14.37 10.73 14.14
N VAL L 1 27.27 -37.97 6.47
CA VAL L 1 28.62 -38.32 6.93
C VAL L 1 29.58 -38.39 5.74
#